data_2XZ9
#
_entry.id   2XZ9
#
_cell.length_a   60.113
_cell.length_b   79.525
_cell.length_c   156.750
_cell.angle_alpha   90.00
_cell.angle_beta   90.00
_cell.angle_gamma   90.00
#
_symmetry.space_group_name_H-M   'P 21 21 21'
#
loop_
_entity.id
_entity.type
_entity.pdbx_description
1 polymer 'PHOSPHOENOLPYRUVATE-PROTEIN KINASE (PTS SYSTEM EI COMPONENT IN BACTERIA)'
2 non-polymer 'MAGNESIUM ION'
3 non-polymer 'PYRUVIC ACID'
4 water water
#
_entity_poly.entity_id   1
_entity_poly.type   'polypeptide(L)'
_entity_poly.pdbx_seq_one_letter_code
;MEGLKQLKDLPAETPDGKKVMLAANIGTPKDVASALANGAEGVGLFRTEFLYMDRNSLPSEEEQFEAYKEVVEKMGGRPV
TIRTLDIGGDKELPYLDMPKEMNPFLGYRAIRLCLDRPDIFKTQLRAILRASAYGNVQIMYPMISSVEEVRKANSILEEV
KAELDREGVKYDKEIKVGIMVEIPSAAVTADILAKEVDFFSIGTNDLTQYTLAVDRMNEHVKEYYQPFHPAILRLVKMVI
DAAHKEGKFAAMCGEMAGDPLAAVILLGLGLDEFSMSATSIPEIKNIIRNVEYEKAKEIAEKALNMSEAREIEKMMKDVI
KDIG
;
_entity_poly.pdbx_strand_id   A,B
#
# COMPACT_ATOMS: atom_id res chain seq x y z
N LEU A 7 22.90 22.97 -24.55
CA LEU A 7 23.88 21.90 -24.45
C LEU A 7 23.49 20.87 -23.39
N LYS A 8 23.85 19.62 -23.65
CA LYS A 8 23.65 18.54 -22.70
C LYS A 8 24.50 18.79 -21.46
N ASP A 9 25.38 19.78 -21.54
CA ASP A 9 26.31 20.03 -20.44
C ASP A 9 25.83 21.12 -19.48
N LEU A 10 24.83 21.89 -19.89
CA LEU A 10 24.20 22.84 -18.98
C LEU A 10 23.51 22.06 -17.88
N PRO A 11 23.53 22.61 -16.65
CA PRO A 11 22.87 21.90 -15.54
C PRO A 11 21.35 22.06 -15.55
N ALA A 12 20.67 21.12 -14.90
CA ALA A 12 19.23 21.24 -14.66
C ALA A 12 19.06 22.19 -13.48
N GLU A 13 18.96 23.48 -13.79
CA GLU A 13 19.07 24.50 -12.78
C GLU A 13 18.07 25.60 -13.14
N THR A 14 17.20 25.93 -12.19
CA THR A 14 16.16 26.92 -12.40
C THR A 14 16.75 28.31 -12.58
N PRO A 15 15.98 29.22 -13.18
CA PRO A 15 16.50 30.58 -13.37
C PRO A 15 16.81 31.29 -12.04
N ASP A 16 16.22 30.83 -10.94
CA ASP A 16 16.52 31.39 -9.62
C ASP A 16 17.51 30.54 -8.80
N GLY A 17 18.25 29.67 -9.48
CA GLY A 17 19.41 29.04 -8.87
C GLY A 17 19.21 27.79 -8.03
N LYS A 18 18.19 26.99 -8.37
CA LYS A 18 18.03 25.67 -7.73
C LYS A 18 18.45 24.60 -8.72
N LYS A 19 19.43 23.79 -8.32
CA LYS A 19 19.92 22.71 -9.18
C LYS A 19 19.40 21.36 -8.69
N VAL A 20 19.05 20.50 -9.65
CA VAL A 20 18.76 19.10 -9.33
C VAL A 20 19.62 18.22 -10.22
N MET A 21 19.76 16.95 -9.84
CA MET A 21 20.53 15.99 -10.61
C MET A 21 19.63 15.17 -11.55
N LEU A 22 20.01 15.09 -12.83
CA LEU A 22 19.32 14.20 -13.76
C LEU A 22 20.21 13.03 -14.10
N ALA A 23 19.67 11.82 -13.94
CA ALA A 23 20.46 10.61 -14.08
C ALA A 23 19.72 9.63 -14.98
N ALA A 24 20.39 8.55 -15.37
CA ALA A 24 19.81 7.56 -16.26
C ALA A 24 19.46 6.26 -15.55
N ASN A 25 18.37 5.62 -16.00
CA ASN A 25 18.07 4.25 -15.64
C ASN A 25 18.65 3.38 -16.74
N ILE A 26 19.43 2.36 -16.37
CA ILE A 26 19.95 1.44 -17.37
C ILE A 26 19.66 -0.01 -17.02
N GLY A 27 19.67 -0.87 -18.04
CA GLY A 27 19.43 -2.30 -17.86
C GLY A 27 20.60 -3.19 -18.24
N THR A 28 21.57 -2.65 -18.95
CA THR A 28 22.81 -3.36 -19.30
C THR A 28 23.91 -2.33 -19.54
N PRO A 29 25.17 -2.76 -19.50
CA PRO A 29 26.29 -1.84 -19.74
C PRO A 29 26.20 -1.13 -21.08
N LYS A 30 25.51 -1.71 -22.06
CA LYS A 30 25.39 -1.12 -23.40
C LYS A 30 24.59 0.20 -23.42
N ASP A 31 23.85 0.45 -22.34
CA ASP A 31 23.02 1.66 -22.25
C ASP A 31 23.80 2.91 -21.86
N VAL A 32 25.05 2.72 -21.45
CA VAL A 32 25.84 3.83 -20.94
C VAL A 32 26.08 4.93 -21.97
N ALA A 33 26.46 4.56 -23.19
CA ALA A 33 26.77 5.56 -24.21
C ALA A 33 25.61 6.52 -24.40
N SER A 34 24.39 5.99 -24.53
CA SER A 34 23.22 6.82 -24.73
C SER A 34 22.94 7.71 -23.51
N ALA A 35 23.18 7.17 -22.32
CA ALA A 35 22.99 7.96 -21.09
C ALA A 35 23.88 9.20 -21.11
N LEU A 36 25.17 9.02 -21.40
CA LEU A 36 26.11 10.13 -21.43
C LEU A 36 25.82 11.09 -22.58
N ALA A 37 25.42 10.56 -23.73
CA ALA A 37 25.10 11.40 -24.88
C ALA A 37 23.96 12.35 -24.55
N ASN A 38 23.09 11.93 -23.63
CA ASN A 38 21.94 12.74 -23.25
C ASN A 38 22.18 13.57 -21.99
N GLY A 39 23.43 13.57 -21.53
CA GLY A 39 23.82 14.41 -20.41
C GLY A 39 23.53 13.86 -19.02
N ALA A 40 23.38 12.54 -18.91
CA ALA A 40 23.18 11.93 -17.61
C ALA A 40 24.35 12.28 -16.68
N GLU A 41 24.02 12.61 -15.43
CA GLU A 41 25.00 12.98 -14.42
C GLU A 41 25.35 11.82 -13.52
N GLY A 42 24.75 10.67 -13.84
CA GLY A 42 24.97 9.47 -13.07
C GLY A 42 23.99 8.42 -13.54
N VAL A 43 24.06 7.25 -12.93
CA VAL A 43 23.08 6.21 -13.16
C VAL A 43 22.30 6.07 -11.87
N GLY A 44 21.05 6.50 -11.88
CA GLY A 44 20.24 6.43 -10.68
C GLY A 44 19.63 5.06 -10.44
N LEU A 45 19.66 4.22 -11.48
CA LEU A 45 19.17 2.86 -11.33
C LEU A 45 19.86 1.96 -12.34
N PHE A 46 20.71 1.06 -11.85
CA PHE A 46 21.32 0.05 -12.69
C PHE A 46 20.57 -1.24 -12.33
N ARG A 47 19.63 -1.64 -13.18
CA ARG A 47 18.89 -2.88 -12.98
C ARG A 47 19.84 -4.04 -13.24
N THR A 48 19.81 -5.07 -12.40
CA THR A 48 20.77 -6.16 -12.53
C THR A 48 20.14 -7.47 -12.98
N GLU A 49 18.86 -7.44 -13.33
CA GLU A 49 18.17 -8.65 -13.77
C GLU A 49 18.80 -9.29 -15.01
N PHE A 50 19.41 -8.47 -15.86
CA PHE A 50 20.03 -8.98 -17.10
C PHE A 50 21.03 -10.09 -16.84
N LEU A 51 21.70 -10.04 -15.69
CA LEU A 51 22.66 -11.07 -15.32
C LEU A 51 22.02 -12.41 -14.97
N TYR A 52 20.74 -12.41 -14.62
CA TYR A 52 20.07 -13.60 -14.11
C TYR A 52 19.12 -14.21 -15.13
N MET A 53 18.74 -13.40 -16.13
CA MET A 53 17.73 -13.83 -17.08
C MET A 53 18.32 -14.54 -18.29
N ASP A 54 17.47 -15.29 -18.97
CA ASP A 54 17.84 -15.87 -20.25
C ASP A 54 19.08 -16.74 -20.11
N ARG A 55 19.08 -17.63 -19.12
CA ARG A 55 20.23 -18.50 -18.89
C ARG A 55 19.82 -19.68 -18.02
N ASN A 56 20.76 -20.59 -17.78
CA ASN A 56 20.46 -21.83 -17.07
C ASN A 56 21.35 -22.05 -15.84
N SER A 57 22.00 -20.98 -15.37
CA SER A 57 22.84 -21.07 -14.19
C SER A 57 22.89 -19.72 -13.52
N LEU A 58 23.28 -19.68 -12.24
CA LEU A 58 23.45 -18.41 -11.56
C LEU A 58 24.65 -17.70 -12.14
N PRO A 59 24.57 -16.36 -12.28
CA PRO A 59 25.74 -15.62 -12.76
C PRO A 59 26.87 -15.64 -11.73
N SER A 60 28.08 -15.96 -12.18
CA SER A 60 29.22 -16.00 -11.29
C SER A 60 29.57 -14.62 -10.76
N GLU A 61 30.33 -14.59 -9.67
CA GLU A 61 30.81 -13.34 -9.13
C GLU A 61 31.62 -12.58 -10.18
N GLU A 62 32.49 -13.29 -10.88
CA GLU A 62 33.35 -12.64 -11.86
C GLU A 62 32.54 -12.04 -13.01
N GLU A 63 31.53 -12.75 -13.48
CA GLU A 63 30.67 -12.25 -14.54
C GLU A 63 29.94 -10.97 -14.13
N GLN A 64 29.38 -10.99 -12.92
CA GLN A 64 28.72 -9.80 -12.38
C GLN A 64 29.71 -8.66 -12.23
N PHE A 65 30.86 -8.96 -11.63
CA PHE A 65 31.90 -7.96 -11.43
C PHE A 65 32.29 -7.26 -12.72
N GLU A 66 32.54 -8.03 -13.78
CA GLU A 66 32.94 -7.43 -15.05
C GLU A 66 31.88 -6.46 -15.58
N ALA A 67 30.61 -6.82 -15.42
CA ALA A 67 29.54 -5.94 -15.89
C ALA A 67 29.43 -4.67 -15.05
N TYR A 68 29.52 -4.81 -13.73
CA TYR A 68 29.44 -3.65 -12.85
C TYR A 68 30.65 -2.74 -13.07
N LYS A 69 31.84 -3.32 -13.13
CA LYS A 69 33.05 -2.53 -13.36
C LYS A 69 32.98 -1.73 -14.67
N GLU A 70 32.49 -2.36 -15.72
CA GLU A 70 32.43 -1.68 -17.00
C GLU A 70 31.63 -0.39 -16.91
N VAL A 71 30.46 -0.48 -16.28
CA VAL A 71 29.59 0.69 -16.15
C VAL A 71 30.23 1.74 -15.27
N VAL A 72 30.78 1.29 -14.15
CA VAL A 72 31.39 2.18 -13.18
C VAL A 72 32.55 2.95 -13.82
N GLU A 73 33.39 2.25 -14.57
CA GLU A 73 34.50 2.89 -15.26
C GLU A 73 34.03 3.87 -16.34
N LYS A 74 33.07 3.44 -17.15
CA LYS A 74 32.63 4.26 -18.27
C LYS A 74 31.90 5.52 -17.82
N MET A 75 31.37 5.48 -16.60
CA MET A 75 30.66 6.64 -16.06
C MET A 75 31.60 7.68 -15.45
N GLY A 76 32.90 7.40 -15.48
CA GLY A 76 33.93 8.35 -15.10
C GLY A 76 33.72 9.15 -13.82
N GLY A 77 33.49 8.47 -12.71
CA GLY A 77 33.37 9.14 -11.42
C GLY A 77 31.96 9.55 -11.06
N ARG A 78 31.07 9.57 -12.05
CA ARG A 78 29.67 9.83 -11.78
C ARG A 78 29.11 8.67 -10.97
N PRO A 79 28.14 8.96 -10.08
CA PRO A 79 27.62 7.88 -9.24
C PRO A 79 26.84 6.83 -10.02
N VAL A 80 27.00 5.57 -9.65
CA VAL A 80 26.25 4.47 -10.25
C VAL A 80 25.54 3.72 -9.14
N THR A 81 24.22 3.87 -9.08
CA THR A 81 23.40 3.24 -8.06
C THR A 81 22.91 1.88 -8.54
N ILE A 82 23.45 0.81 -7.97
CA ILE A 82 23.17 -0.54 -8.44
C ILE A 82 22.10 -1.18 -7.57
N ARG A 83 20.99 -1.57 -8.20
CA ARG A 83 19.90 -2.21 -7.48
C ARG A 83 20.16 -3.70 -7.41
N THR A 84 20.15 -4.26 -6.20
CA THR A 84 20.37 -5.69 -6.05
C THR A 84 19.19 -6.46 -6.66
N LEU A 85 19.36 -7.78 -6.81
CA LEU A 85 18.40 -8.62 -7.52
C LEU A 85 16.93 -8.30 -7.20
N ASP A 86 16.14 -8.05 -8.26
CA ASP A 86 14.76 -7.59 -8.11
C ASP A 86 13.92 -8.46 -9.02
N ILE A 87 13.94 -9.75 -8.75
CA ILE A 87 13.28 -10.70 -9.64
C ILE A 87 12.49 -11.67 -8.80
N GLY A 88 11.40 -12.19 -9.37
CA GLY A 88 10.60 -13.19 -8.69
C GLY A 88 10.24 -14.33 -9.63
N GLY A 89 9.49 -15.30 -9.12
CA GLY A 89 9.19 -16.52 -9.86
C GLY A 89 8.31 -16.35 -11.08
N ASP A 90 7.84 -15.13 -11.32
CA ASP A 90 7.06 -14.84 -12.52
C ASP A 90 7.98 -14.72 -13.73
N LYS A 91 9.28 -14.64 -13.47
CA LYS A 91 10.27 -14.61 -14.53
C LYS A 91 10.59 -16.04 -14.97
N GLU A 92 9.94 -16.99 -14.31
CA GLU A 92 10.09 -18.41 -14.64
C GLU A 92 11.49 -18.72 -15.17
N LEU A 93 12.46 -18.70 -14.27
CA LEU A 93 13.83 -19.04 -14.60
C LEU A 93 14.16 -20.41 -14.04
N PRO A 94 14.44 -21.36 -14.94
CA PRO A 94 14.56 -22.78 -14.58
C PRO A 94 15.42 -22.99 -13.35
N TYR A 95 16.70 -22.68 -13.48
CA TYR A 95 17.67 -22.93 -12.42
C TYR A 95 17.25 -22.32 -11.09
N LEU A 96 16.64 -21.14 -11.14
CA LEU A 96 16.26 -20.42 -9.92
C LEU A 96 15.36 -21.26 -9.02
N ASP A 97 14.70 -22.26 -9.60
CA ASP A 97 13.82 -23.15 -8.83
C ASP A 97 12.90 -22.37 -7.88
N MET A 98 11.88 -21.75 -8.45
CA MET A 98 11.00 -20.87 -7.70
C MET A 98 9.59 -21.45 -7.59
N PRO A 99 8.85 -21.03 -6.55
CA PRO A 99 7.49 -21.51 -6.36
C PRO A 99 6.54 -20.88 -7.37
N LYS A 100 5.51 -21.62 -7.78
CA LYS A 100 4.40 -21.03 -8.51
C LYS A 100 3.54 -20.31 -7.48
N GLU A 101 3.14 -19.08 -7.79
CA GLU A 101 2.45 -18.24 -6.79
C GLU A 101 1.17 -17.66 -7.33
N MET A 102 0.19 -17.49 -6.46
CA MET A 102 -1.07 -16.89 -6.87
CA MET A 102 -1.09 -16.89 -6.84
C MET A 102 -0.93 -15.40 -7.16
N ASN A 103 -0.15 -14.70 -6.34
CA ASN A 103 0.13 -13.28 -6.55
C ASN A 103 1.63 -13.01 -6.48
N PRO A 104 2.37 -13.31 -7.55
CA PRO A 104 3.82 -13.13 -7.47
C PRO A 104 4.27 -11.72 -7.09
N PHE A 105 3.52 -10.69 -7.47
CA PHE A 105 3.90 -9.31 -7.18
CA PHE A 105 3.92 -9.32 -7.17
C PHE A 105 3.91 -9.06 -5.67
N LEU A 106 3.21 -9.91 -4.93
CA LEU A 106 3.14 -9.81 -3.47
C LEU A 106 3.90 -10.96 -2.83
N GLY A 107 4.81 -11.58 -3.58
CA GLY A 107 5.39 -12.83 -3.15
C GLY A 107 6.88 -12.87 -2.88
N TYR A 108 7.47 -14.01 -3.23
CA TYR A 108 8.85 -14.35 -2.90
C TYR A 108 9.76 -13.84 -4.00
N ARG A 109 10.22 -12.61 -3.83
CA ARG A 109 10.92 -11.94 -4.90
C ARG A 109 11.90 -10.94 -4.32
N ALA A 110 12.85 -10.52 -5.13
CA ALA A 110 13.71 -9.40 -4.78
C ALA A 110 14.42 -9.63 -3.44
N ILE A 111 14.36 -8.66 -2.54
CA ILE A 111 15.10 -8.77 -1.29
C ILE A 111 14.65 -10.00 -0.47
N ARG A 112 13.43 -10.45 -0.69
CA ARG A 112 12.93 -11.58 0.09
C ARG A 112 13.61 -12.86 -0.36
N LEU A 113 13.83 -12.97 -1.67
CA LEU A 113 14.60 -14.08 -2.22
C LEU A 113 16.04 -14.00 -1.72
N CYS A 114 16.61 -12.80 -1.74
CA CYS A 114 18.00 -12.62 -1.33
C CYS A 114 18.23 -12.96 0.14
N LEU A 115 17.30 -12.58 1.01
CA LEU A 115 17.46 -12.90 2.43
C LEU A 115 17.30 -14.39 2.71
N ASP A 116 16.45 -15.04 1.93
CA ASP A 116 16.24 -16.48 2.09
C ASP A 116 17.41 -17.27 1.50
N ARG A 117 18.07 -16.67 0.53
CA ARG A 117 19.17 -17.33 -0.18
C ARG A 117 20.43 -16.49 -0.13
N PRO A 118 21.06 -16.39 1.05
CA PRO A 118 22.19 -15.49 1.19
C PRO A 118 23.37 -15.93 0.35
N ASP A 119 23.42 -17.19 -0.06
CA ASP A 119 24.45 -17.63 -1.00
C ASP A 119 24.37 -16.81 -2.29
N ILE A 120 23.18 -16.64 -2.83
CA ILE A 120 22.97 -15.83 -4.02
C ILE A 120 23.28 -14.36 -3.76
N PHE A 121 22.77 -13.84 -2.65
CA PHE A 121 22.90 -12.43 -2.31
C PHE A 121 24.38 -12.07 -2.13
N LYS A 122 25.12 -12.93 -1.43
CA LYS A 122 26.55 -12.66 -1.17
C LYS A 122 27.37 -12.56 -2.46
N THR A 123 27.08 -13.42 -3.42
CA THR A 123 27.81 -13.36 -4.69
C THR A 123 27.64 -11.99 -5.34
N GLN A 124 26.42 -11.48 -5.36
CA GLN A 124 26.18 -10.19 -5.98
C GLN A 124 26.82 -9.07 -5.18
N LEU A 125 26.68 -9.12 -3.85
CA LEU A 125 27.29 -8.08 -3.02
C LEU A 125 28.81 -8.06 -3.17
N ARG A 126 29.43 -9.24 -3.24
CA ARG A 126 30.88 -9.33 -3.44
C ARG A 126 31.28 -8.61 -4.73
N ALA A 127 30.55 -8.91 -5.81
CA ALA A 127 30.83 -8.30 -7.11
C ALA A 127 30.67 -6.78 -7.09
N ILE A 128 29.61 -6.29 -6.45
CA ILE A 128 29.38 -4.85 -6.35
C ILE A 128 30.49 -4.17 -5.55
N LEU A 129 30.84 -4.75 -4.42
CA LEU A 129 31.88 -4.20 -3.56
C LEU A 129 33.22 -4.15 -4.30
N ARG A 130 33.52 -5.22 -5.03
CA ARG A 130 34.76 -5.24 -5.80
C ARG A 130 34.74 -4.15 -6.87
N ALA A 131 33.60 -3.97 -7.54
CA ALA A 131 33.49 -2.93 -8.56
C ALA A 131 33.62 -1.52 -7.98
N SER A 132 33.29 -1.35 -6.70
CA SER A 132 33.35 -0.04 -6.05
C SER A 132 34.78 0.48 -5.89
N ALA A 133 35.77 -0.38 -6.09
CA ALA A 133 37.16 0.07 -6.04
C ALA A 133 37.51 0.87 -7.29
N TYR A 134 36.64 0.80 -8.30
CA TYR A 134 36.94 1.38 -9.60
C TYR A 134 36.17 2.66 -9.93
N GLY A 135 35.36 3.14 -8.99
CA GLY A 135 34.59 4.34 -9.25
C GLY A 135 33.59 4.63 -8.15
N ASN A 136 32.51 5.34 -8.52
CA ASN A 136 31.54 5.83 -7.57
C ASN A 136 30.28 4.95 -7.57
N VAL A 137 30.26 3.96 -6.68
CA VAL A 137 29.20 2.96 -6.66
C VAL A 137 28.32 3.11 -5.43
N GLN A 138 27.01 2.92 -5.61
CA GLN A 138 26.08 2.90 -4.49
C GLN A 138 25.27 1.61 -4.57
N ILE A 139 24.82 1.11 -3.43
CA ILE A 139 23.98 -0.07 -3.39
C ILE A 139 22.55 0.31 -3.00
N MET A 140 21.58 -0.30 -3.67
CA MET A 140 20.18 -0.02 -3.40
C MET A 140 19.38 -1.33 -3.28
N TYR A 141 18.75 -1.56 -2.13
CA TYR A 141 17.91 -2.75 -1.94
C TYR A 141 16.48 -2.49 -2.40
N PRO A 142 15.92 -3.42 -3.19
CA PRO A 142 14.53 -3.29 -3.64
C PRO A 142 13.53 -3.94 -2.69
N MET A 143 12.25 -3.59 -2.81
CA MET A 143 11.20 -4.37 -2.16
C MET A 143 11.32 -4.39 -0.63
N ILE A 144 11.77 -3.27 -0.08
CA ILE A 144 11.91 -3.12 1.37
C ILE A 144 10.60 -2.66 1.99
N SER A 145 10.10 -3.43 2.96
CA SER A 145 8.87 -3.08 3.66
C SER A 145 9.14 -2.52 5.06
N SER A 146 10.34 -2.78 5.59
CA SER A 146 10.59 -2.45 6.99
C SER A 146 12.06 -2.21 7.27
N VAL A 147 12.33 -1.45 8.32
CA VAL A 147 13.72 -1.19 8.71
C VAL A 147 14.41 -2.49 9.17
N GLU A 148 13.63 -3.43 9.69
CA GLU A 148 14.17 -4.73 10.07
C GLU A 148 14.84 -5.46 8.90
N GLU A 149 14.27 -5.35 7.69
CA GLU A 149 14.84 -6.00 6.52
C GLU A 149 16.14 -5.32 6.12
N VAL A 150 16.19 -3.99 6.21
CA VAL A 150 17.41 -3.25 5.93
C VAL A 150 18.55 -3.73 6.85
N ARG A 151 18.25 -3.88 8.13
CA ARG A 151 19.23 -4.39 9.09
C ARG A 151 19.70 -5.79 8.75
N LYS A 152 18.78 -6.68 8.37
CA LYS A 152 19.17 -8.02 7.94
C LYS A 152 20.07 -7.99 6.72
N ALA A 153 19.69 -7.18 5.72
CA ALA A 153 20.47 -7.09 4.50
C ALA A 153 21.87 -6.55 4.80
N ASN A 154 21.93 -5.49 5.62
CA ASN A 154 23.21 -4.90 5.99
C ASN A 154 24.07 -5.87 6.79
N SER A 155 23.45 -6.71 7.61
CA SER A 155 24.22 -7.72 8.35
CA SER A 155 24.22 -7.72 8.35
C SER A 155 24.99 -8.61 7.38
N ILE A 156 24.32 -9.02 6.31
CA ILE A 156 24.97 -9.83 5.27
C ILE A 156 26.06 -9.05 4.54
N LEU A 157 25.74 -7.81 4.17
CA LEU A 157 26.72 -6.94 3.53
C LEU A 157 27.98 -6.85 4.38
N GLU A 158 27.80 -6.67 5.68
CA GLU A 158 28.95 -6.55 6.60
C GLU A 158 29.75 -7.83 6.70
N GLU A 159 29.07 -8.97 6.63
CA GLU A 159 29.76 -10.26 6.61
C GLU A 159 30.67 -10.31 5.38
N VAL A 160 30.12 -9.89 4.24
CA VAL A 160 30.88 -9.89 3.00
C VAL A 160 32.07 -8.93 3.05
N LYS A 161 31.85 -7.73 3.56
CA LYS A 161 32.97 -6.80 3.73
C LYS A 161 34.08 -7.43 4.57
N ALA A 162 33.71 -8.09 5.66
CA ALA A 162 34.71 -8.69 6.56
C ALA A 162 35.49 -9.79 5.86
N GLU A 163 34.81 -10.56 5.02
CA GLU A 163 35.48 -11.60 4.25
C GLU A 163 36.45 -11.02 3.22
N LEU A 164 36.03 -9.95 2.55
CA LEU A 164 36.92 -9.25 1.62
C LEU A 164 38.13 -8.68 2.36
N ASP A 165 37.92 -8.14 3.57
CA ASP A 165 39.04 -7.62 4.34
C ASP A 165 40.07 -8.73 4.59
N ARG A 166 39.58 -9.88 5.04
CA ARG A 166 40.42 -11.03 5.32
C ARG A 166 41.19 -11.52 4.09
N GLU A 167 40.58 -11.35 2.92
CA GLU A 167 41.17 -11.78 1.66
C GLU A 167 42.05 -10.69 1.07
N GLY A 168 42.03 -9.51 1.68
CA GLY A 168 42.81 -8.39 1.20
C GLY A 168 42.32 -7.83 -0.12
N VAL A 169 41.02 -8.03 -0.39
CA VAL A 169 40.39 -7.55 -1.61
C VAL A 169 39.77 -6.19 -1.31
N LYS A 170 40.04 -5.20 -2.14
CA LYS A 170 39.61 -3.87 -1.79
C LYS A 170 38.22 -3.49 -2.30
N TYR A 171 37.60 -2.58 -1.57
CA TYR A 171 36.29 -2.07 -1.89
C TYR A 171 36.21 -0.71 -1.21
N ASP A 172 35.26 0.10 -1.65
CA ASP A 172 35.05 1.43 -1.08
C ASP A 172 34.44 1.28 0.31
N LYS A 173 35.21 1.61 1.35
CA LYS A 173 34.71 1.47 2.72
C LYS A 173 33.61 2.48 3.05
N GLU A 174 33.47 3.49 2.20
CA GLU A 174 32.47 4.53 2.41
C GLU A 174 31.25 4.32 1.52
N ILE A 175 31.15 3.15 0.92
CA ILE A 175 30.06 2.88 -0.01
C ILE A 175 28.69 3.22 0.61
N LYS A 176 27.88 4.01 -0.11
CA LYS A 176 26.55 4.40 0.36
C LYS A 176 25.53 3.32 0.02
N VAL A 177 24.65 3.01 0.98
CA VAL A 177 23.67 1.95 0.80
C VAL A 177 22.30 2.51 1.12
N GLY A 178 21.40 2.46 0.15
CA GLY A 178 20.07 3.01 0.32
C GLY A 178 19.00 2.00 -0.06
N ILE A 179 17.77 2.47 -0.20
CA ILE A 179 16.69 1.57 -0.58
C ILE A 179 15.79 2.16 -1.63
N MET A 180 15.15 1.27 -2.36
CA MET A 180 14.02 1.61 -3.20
CA MET A 180 14.04 1.64 -3.21
C MET A 180 12.84 1.80 -2.28
N VAL A 181 12.11 2.90 -2.43
CA VAL A 181 10.88 3.03 -1.70
C VAL A 181 9.75 2.73 -2.67
N GLU A 182 9.15 1.55 -2.53
CA GLU A 182 8.09 1.11 -3.46
C GLU A 182 6.96 0.36 -2.73
N ILE A 183 7.26 -0.24 -1.60
CA ILE A 183 6.20 -0.83 -0.79
C ILE A 183 5.60 0.27 0.08
N PRO A 184 4.26 0.36 0.13
CA PRO A 184 3.68 1.53 0.82
C PRO A 184 4.19 1.70 2.26
N SER A 185 4.41 0.62 2.97
CA SER A 185 4.88 0.73 4.36
C SER A 185 6.20 1.47 4.48
N ALA A 186 7.05 1.35 3.46
CA ALA A 186 8.35 2.04 3.49
C ALA A 186 8.20 3.56 3.36
N ALA A 187 7.20 3.98 2.58
CA ALA A 187 6.91 5.40 2.47
C ALA A 187 6.26 5.92 3.77
N VAL A 188 5.31 5.15 4.30
CA VAL A 188 4.61 5.55 5.50
C VAL A 188 5.57 5.64 6.70
N THR A 189 6.59 4.78 6.71
CA THR A 189 7.59 4.81 7.80
C THR A 189 8.95 5.31 7.32
N ALA A 190 8.93 6.21 6.33
CA ALA A 190 10.16 6.80 5.83
C ALA A 190 10.99 7.47 6.94
N ASP A 191 10.33 8.04 7.93
CA ASP A 191 11.05 8.65 9.06
C ASP A 191 11.91 7.65 9.81
N ILE A 192 11.40 6.45 10.03
CA ILE A 192 12.16 5.39 10.70
C ILE A 192 13.30 4.92 9.80
N LEU A 193 13.00 4.67 8.54
CA LEU A 193 13.99 4.17 7.60
C LEU A 193 15.10 5.19 7.33
N ALA A 194 14.76 6.47 7.35
CA ALA A 194 15.71 7.50 6.98
C ALA A 194 16.89 7.53 7.92
N LYS A 195 16.71 7.00 9.13
CA LYS A 195 17.79 7.01 10.10
C LYS A 195 18.84 5.95 9.83
N GLU A 196 18.49 5.00 8.97
CA GLU A 196 19.31 3.82 8.80
C GLU A 196 19.65 3.48 7.34
N VAL A 197 19.25 4.35 6.43
CA VAL A 197 19.68 4.22 5.04
C VAL A 197 20.43 5.48 4.66
N ASP A 198 21.26 5.38 3.62
CA ASP A 198 22.05 6.54 3.22
C ASP A 198 21.29 7.44 2.25
N PHE A 199 20.26 6.89 1.60
CA PHE A 199 19.46 7.63 0.64
C PHE A 199 18.21 6.83 0.30
N PHE A 200 17.23 7.50 -0.31
CA PHE A 200 16.04 6.83 -0.83
C PHE A 200 15.99 7.02 -2.34
N SER A 201 15.48 6.02 -3.06
CA SER A 201 15.08 6.24 -4.44
C SER A 201 13.66 5.72 -4.57
N ILE A 202 12.76 6.59 -5.02
CA ILE A 202 11.34 6.23 -5.06
C ILE A 202 11.01 5.49 -6.34
N GLY A 203 10.55 4.25 -6.19
CA GLY A 203 10.10 3.47 -7.32
C GLY A 203 8.61 3.65 -7.51
N THR A 204 8.23 4.72 -8.21
CA THR A 204 6.82 5.09 -8.29
C THR A 204 5.97 4.11 -9.09
N ASN A 205 6.57 3.34 -10.00
CA ASN A 205 5.77 2.38 -10.75
C ASN A 205 5.13 1.37 -9.80
N ASP A 206 5.95 0.76 -8.96
CA ASP A 206 5.44 -0.23 -8.03
C ASP A 206 4.77 0.41 -6.82
N LEU A 207 5.24 1.59 -6.41
CA LEU A 207 4.57 2.29 -5.33
C LEU A 207 3.12 2.56 -5.71
N THR A 208 2.90 2.97 -6.95
CA THR A 208 1.55 3.27 -7.40
C THR A 208 0.69 2.00 -7.44
N GLN A 209 1.25 0.92 -7.96
CA GLN A 209 0.51 -0.33 -8.04
C GLN A 209 0.14 -0.86 -6.66
N TYR A 210 1.09 -0.85 -5.72
CA TYR A 210 0.78 -1.38 -4.40
C TYR A 210 -0.19 -0.46 -3.63
N THR A 211 0.03 0.85 -3.76
CA THR A 211 -0.77 1.82 -3.00
C THR A 211 -2.23 1.82 -3.47
N LEU A 212 -2.45 1.62 -4.76
CA LEU A 212 -3.82 1.57 -5.29
C LEU A 212 -4.35 0.14 -5.46
N ALA A 213 -3.55 -0.83 -5.06
CA ALA A 213 -3.85 -2.26 -5.24
C ALA A 213 -4.28 -2.57 -6.68
N VAL A 214 -3.41 -2.25 -7.63
CA VAL A 214 -3.71 -2.46 -9.04
CA VAL A 214 -3.71 -2.44 -9.04
C VAL A 214 -2.49 -2.96 -9.79
N ASP A 215 -2.67 -4.03 -10.56
CA ASP A 215 -1.63 -4.52 -11.44
C ASP A 215 -1.87 -3.80 -12.77
N ARG A 216 -0.99 -2.87 -13.13
CA ARG A 216 -1.26 -2.07 -14.31
C ARG A 216 -1.15 -2.85 -15.62
N MET A 217 -0.59 -4.06 -15.56
CA MET A 217 -0.53 -4.93 -16.75
C MET A 217 -1.85 -5.66 -16.97
N ASN A 218 -2.74 -5.59 -15.98
CA ASN A 218 -4.05 -6.23 -16.08
C ASN A 218 -5.00 -5.31 -16.84
N GLU A 219 -5.31 -5.70 -18.08
CA GLU A 219 -6.09 -4.87 -18.97
C GLU A 219 -7.46 -4.54 -18.39
N HIS A 220 -7.99 -5.46 -17.60
CA HIS A 220 -9.33 -5.32 -17.03
C HIS A 220 -9.41 -4.25 -15.96
N VAL A 221 -8.27 -3.82 -15.42
CA VAL A 221 -8.26 -2.78 -14.38
C VAL A 221 -7.22 -1.69 -14.61
N LYS A 222 -6.72 -1.58 -15.85
CA LYS A 222 -5.65 -0.64 -16.14
C LYS A 222 -6.00 0.80 -15.75
N GLU A 223 -7.27 1.15 -15.83
CA GLU A 223 -7.71 2.51 -15.54
C GLU A 223 -7.52 2.88 -14.08
N TYR A 224 -7.41 1.87 -13.22
CA TYR A 224 -7.21 2.10 -11.80
C TYR A 224 -5.78 2.51 -11.45
N TYR A 225 -4.84 2.33 -12.38
CA TYR A 225 -3.47 2.79 -12.17
C TYR A 225 -3.47 4.29 -12.43
N GLN A 226 -3.33 5.06 -11.35
CA GLN A 226 -3.45 6.51 -11.41
C GLN A 226 -2.24 7.16 -10.77
N PRO A 227 -1.20 7.43 -11.57
CA PRO A 227 0.05 7.99 -11.04
C PRO A 227 -0.15 9.33 -10.35
N PHE A 228 -1.18 10.09 -10.72
CA PHE A 228 -1.41 11.40 -10.11
C PHE A 228 -2.42 11.36 -8.95
N HIS A 229 -2.75 10.18 -8.45
CA HIS A 229 -3.65 10.06 -7.30
C HIS A 229 -3.04 10.87 -6.14
N PRO A 230 -3.86 11.65 -5.43
CA PRO A 230 -3.32 12.39 -4.28
C PRO A 230 -2.54 11.52 -3.30
N ALA A 231 -2.92 10.25 -3.13
CA ALA A 231 -2.17 9.39 -2.20
C ALA A 231 -0.72 9.27 -2.64
N ILE A 232 -0.49 9.15 -3.95
CA ILE A 232 0.88 8.98 -4.43
C ILE A 232 1.68 10.25 -4.16
N LEU A 233 1.09 11.41 -4.45
CA LEU A 233 1.78 12.68 -4.22
C LEU A 233 2.12 12.82 -2.73
N ARG A 234 1.20 12.42 -1.88
CA ARG A 234 1.42 12.52 -0.42
C ARG A 234 2.56 11.61 0.03
N LEU A 235 2.59 10.38 -0.49
CA LEU A 235 3.66 9.46 -0.10
C LEU A 235 5.01 9.93 -0.62
N VAL A 236 5.04 10.45 -1.85
CA VAL A 236 6.28 10.99 -2.39
C VAL A 236 6.80 12.15 -1.53
N LYS A 237 5.92 13.07 -1.16
CA LYS A 237 6.32 14.20 -0.32
C LYS A 237 6.87 13.70 1.02
N MET A 238 6.19 12.72 1.60
CA MET A 238 6.62 12.17 2.88
C MET A 238 8.04 11.58 2.82
N VAL A 239 8.35 10.88 1.73
CA VAL A 239 9.67 10.28 1.56
C VAL A 239 10.73 11.37 1.41
N ILE A 240 10.44 12.35 0.55
CA ILE A 240 11.40 13.42 0.33
C ILE A 240 11.67 14.18 1.63
N ASP A 241 10.61 14.52 2.35
CA ASP A 241 10.78 15.27 3.59
C ASP A 241 11.53 14.47 4.64
N ALA A 242 11.26 13.16 4.70
CA ALA A 242 11.93 12.30 5.69
C ALA A 242 13.41 12.20 5.42
N ALA A 243 13.77 12.04 4.14
CA ALA A 243 15.18 12.04 3.76
C ALA A 243 15.82 13.35 4.19
N HIS A 244 15.19 14.45 3.89
CA HIS A 244 15.82 15.75 4.16
C HIS A 244 15.98 16.04 5.65
N LYS A 245 15.02 15.60 6.45
CA LYS A 245 15.10 15.80 7.90
C LYS A 245 16.36 15.13 8.47
N GLU A 246 16.79 14.06 7.82
CA GLU A 246 17.99 13.34 8.25
C GLU A 246 19.25 13.73 7.46
N GLY A 247 19.14 14.76 6.63
CA GLY A 247 20.27 15.27 5.87
C GLY A 247 20.70 14.37 4.71
N LYS A 248 19.72 13.65 4.18
CA LYS A 248 19.99 12.70 3.11
C LYS A 248 19.22 13.06 1.86
N PHE A 249 19.56 12.42 0.74
CA PHE A 249 18.95 12.78 -0.54
CA PHE A 249 18.95 12.78 -0.53
C PHE A 249 17.84 11.83 -0.92
N ALA A 250 16.91 12.34 -1.71
CA ALA A 250 15.80 11.57 -2.23
C ALA A 250 15.83 11.62 -3.75
N ALA A 251 15.89 10.44 -4.37
CA ALA A 251 15.85 10.29 -5.82
C ALA A 251 14.53 9.65 -6.19
N MET A 252 14.20 9.69 -7.48
CA MET A 252 13.07 8.94 -8.01
C MET A 252 13.50 8.30 -9.32
N CYS A 253 13.27 6.99 -9.46
CA CYS A 253 13.65 6.28 -10.69
C CYS A 253 12.44 5.64 -11.39
N GLY A 254 11.28 5.76 -10.78
CA GLY A 254 10.04 5.37 -11.44
C GLY A 254 9.76 6.25 -12.64
N GLU A 255 8.86 5.80 -13.52
CA GLU A 255 8.58 6.51 -14.76
C GLU A 255 8.18 7.95 -14.55
N MET A 256 7.55 8.23 -13.42
CA MET A 256 7.12 9.57 -13.09
C MET A 256 8.25 10.60 -13.24
N ALA A 257 9.48 10.22 -12.86
CA ALA A 257 10.60 11.18 -12.89
C ALA A 257 10.96 11.63 -14.30
N GLY A 258 10.58 10.85 -15.30
CA GLY A 258 10.81 11.23 -16.68
C GLY A 258 9.59 11.82 -17.37
N ASP A 259 8.52 12.01 -16.60
CA ASP A 259 7.27 12.52 -17.15
C ASP A 259 7.29 14.04 -17.07
N PRO A 260 7.23 14.71 -18.24
CA PRO A 260 7.26 16.18 -18.22
C PRO A 260 6.16 16.79 -17.34
N LEU A 261 5.02 16.13 -17.23
CA LEU A 261 3.92 16.66 -16.43
C LEU A 261 4.19 16.63 -14.94
N ALA A 262 5.06 15.73 -14.50
CA ALA A 262 5.34 15.60 -13.08
C ALA A 262 6.52 16.45 -12.67
N ALA A 263 7.33 16.88 -13.63
CA ALA A 263 8.59 17.53 -13.33
C ALA A 263 8.49 18.73 -12.38
N VAL A 264 7.56 19.65 -12.66
CA VAL A 264 7.46 20.85 -11.84
C VAL A 264 7.02 20.54 -10.41
N ILE A 265 6.08 19.61 -10.24
CA ILE A 265 5.70 19.17 -8.90
C ILE A 265 6.89 18.56 -8.15
N LEU A 266 7.59 17.64 -8.81
CA LEU A 266 8.74 16.99 -8.17
C LEU A 266 9.81 18.00 -7.79
N LEU A 267 10.09 18.94 -8.69
CA LEU A 267 11.04 20.01 -8.38
C LEU A 267 10.58 20.79 -7.16
N GLY A 268 9.30 21.17 -7.15
CA GLY A 268 8.74 21.95 -6.06
C GLY A 268 8.67 21.22 -4.73
N LEU A 269 8.55 19.90 -4.78
CA LEU A 269 8.55 19.10 -3.56
C LEU A 269 9.95 18.94 -2.99
N GLY A 270 10.96 19.27 -3.78
CA GLY A 270 12.34 19.19 -3.32
C GLY A 270 13.06 17.91 -3.68
N LEU A 271 12.56 17.19 -4.68
CA LEU A 271 13.25 15.98 -5.16
C LEU A 271 14.68 16.33 -5.58
N ASP A 272 15.65 15.53 -5.16
CA ASP A 272 17.06 15.84 -5.43
C ASP A 272 17.61 15.27 -6.74
N GLU A 273 17.12 14.10 -7.12
CA GLU A 273 17.64 13.39 -8.28
C GLU A 273 16.49 12.76 -9.04
N PHE A 274 16.48 12.96 -10.35
CA PHE A 274 15.48 12.39 -11.25
C PHE A 274 16.22 11.39 -12.09
N SER A 275 15.87 10.10 -12.03
CA SER A 275 16.55 9.12 -12.84
C SER A 275 15.55 8.55 -13.85
N MET A 276 15.95 8.43 -15.10
CA MET A 276 15.00 8.15 -16.18
C MET A 276 15.66 7.53 -17.41
N SER A 277 14.82 7.02 -18.32
CA SER A 277 15.30 6.61 -19.63
C SER A 277 16.09 7.78 -20.23
N ALA A 278 17.28 7.49 -20.76
CA ALA A 278 18.21 8.53 -21.18
C ALA A 278 17.61 9.58 -22.10
N THR A 279 16.79 9.16 -23.06
CA THR A 279 16.25 10.10 -24.05
C THR A 279 15.24 11.07 -23.45
N SER A 280 14.84 10.82 -22.21
CA SER A 280 13.92 11.74 -21.53
C SER A 280 14.65 12.90 -20.86
N ILE A 281 15.96 12.78 -20.70
CA ILE A 281 16.71 13.76 -19.92
C ILE A 281 16.62 15.18 -20.47
N PRO A 282 16.85 15.36 -21.78
CA PRO A 282 16.82 16.74 -22.29
C PRO A 282 15.49 17.46 -22.06
N GLU A 283 14.38 16.75 -22.25
CA GLU A 283 13.06 17.35 -22.06
C GLU A 283 12.83 17.80 -20.62
N ILE A 284 13.23 16.98 -19.66
CA ILE A 284 13.09 17.35 -18.25
C ILE A 284 14.02 18.49 -17.87
N LYS A 285 15.25 18.45 -18.37
CA LYS A 285 16.20 19.54 -18.14
C LYS A 285 15.65 20.87 -18.64
N ASN A 286 15.03 20.86 -19.82
CA ASN A 286 14.50 22.08 -20.40
C ASN A 286 13.40 22.66 -19.52
N ILE A 287 12.60 21.78 -18.93
CA ILE A 287 11.53 22.23 -18.05
C ILE A 287 12.12 22.87 -16.80
N ILE A 288 13.06 22.16 -16.17
CA ILE A 288 13.70 22.69 -14.97
C ILE A 288 14.34 24.06 -15.26
N ARG A 289 15.00 24.19 -16.40
CA ARG A 289 15.75 25.43 -16.70
C ARG A 289 14.80 26.59 -17.01
N ASN A 290 13.52 26.29 -17.14
CA ASN A 290 12.56 27.31 -17.54
C ASN A 290 11.40 27.52 -16.57
N VAL A 291 11.57 27.04 -15.35
CA VAL A 291 10.60 27.32 -14.29
C VAL A 291 11.35 27.75 -13.02
N GLU A 292 10.92 28.85 -12.42
CA GLU A 292 11.49 29.28 -11.15
C GLU A 292 11.15 28.27 -10.05
N TYR A 293 12.13 27.99 -9.20
CA TYR A 293 11.94 27.10 -8.05
C TYR A 293 10.84 27.65 -7.16
N GLU A 294 10.84 28.96 -6.95
CA GLU A 294 9.82 29.58 -6.11
CA GLU A 294 9.83 29.62 -6.14
C GLU A 294 8.42 29.30 -6.66
N LYS A 295 8.27 29.36 -7.98
CA LYS A 295 6.99 29.03 -8.63
C LYS A 295 6.67 27.54 -8.53
N ALA A 296 7.67 26.70 -8.73
CA ALA A 296 7.47 25.26 -8.63
C ALA A 296 6.96 24.86 -7.24
N LYS A 297 7.50 25.50 -6.20
CA LYS A 297 7.02 25.24 -4.84
C LYS A 297 5.53 25.59 -4.69
N GLU A 298 5.13 26.72 -5.28
CA GLU A 298 3.75 27.16 -5.23
C GLU A 298 2.85 26.16 -5.94
N ILE A 299 3.29 25.68 -7.10
CA ILE A 299 2.53 24.71 -7.87
C ILE A 299 2.42 23.37 -7.13
N ALA A 300 3.52 22.91 -6.55
CA ALA A 300 3.46 21.68 -5.76
C ALA A 300 2.45 21.84 -4.62
N GLU A 301 2.47 23.00 -3.98
CA GLU A 301 1.54 23.25 -2.89
C GLU A 301 0.10 23.20 -3.37
N LYS A 302 -0.17 23.79 -4.53
CA LYS A 302 -1.52 23.72 -5.10
C LYS A 302 -1.90 22.26 -5.37
N ALA A 303 -0.96 21.48 -5.91
CA ALA A 303 -1.24 20.07 -6.20
C ALA A 303 -1.62 19.29 -4.95
N LEU A 304 -0.92 19.56 -3.85
CA LEU A 304 -1.17 18.87 -2.60
CA LEU A 304 -1.16 18.88 -2.59
C LEU A 304 -2.50 19.26 -1.97
N ASN A 305 -3.10 20.35 -2.45
CA ASN A 305 -4.41 20.74 -1.93
C ASN A 305 -5.58 20.20 -2.75
N MET A 306 -5.29 19.48 -3.82
CA MET A 306 -6.32 19.00 -4.73
C MET A 306 -6.82 17.62 -4.31
N SER A 307 -8.08 17.31 -4.62
CA SER A 307 -8.70 16.07 -4.15
CA SER A 307 -8.68 16.06 -4.14
C SER A 307 -8.77 14.98 -5.21
N GLU A 308 -8.54 15.36 -6.47
CA GLU A 308 -8.64 14.39 -7.56
C GLU A 308 -7.44 14.41 -8.47
N ALA A 309 -7.00 13.23 -8.88
CA ALA A 309 -5.92 13.09 -9.84
C ALA A 309 -6.14 13.93 -11.09
N ARG A 310 -7.36 13.93 -11.63
CA ARG A 310 -7.57 14.62 -12.89
C ARG A 310 -7.39 16.15 -12.77
N GLU A 311 -7.67 16.70 -11.59
CA GLU A 311 -7.45 18.12 -11.33
C GLU A 311 -5.97 18.45 -11.36
N ILE A 312 -5.16 17.57 -10.77
CA ILE A 312 -3.72 17.77 -10.75
C ILE A 312 -3.20 17.67 -12.17
N GLU A 313 -3.68 16.69 -12.91
CA GLU A 313 -3.23 16.54 -14.27
C GLU A 313 -3.61 17.73 -15.16
N LYS A 314 -4.83 18.23 -15.01
CA LYS A 314 -5.29 19.42 -15.74
C LYS A 314 -4.35 20.57 -15.45
N MET A 315 -4.05 20.80 -14.17
CA MET A 315 -3.17 21.89 -13.80
C MET A 315 -1.79 21.72 -14.44
N MET A 316 -1.28 20.51 -14.41
CA MET A 316 0.08 20.29 -14.87
C MET A 316 0.16 20.42 -16.39
N LYS A 317 -0.89 20.03 -17.08
CA LYS A 317 -0.96 20.25 -18.52
C LYS A 317 -0.95 21.75 -18.85
N ASP A 318 -1.64 22.54 -18.04
CA ASP A 318 -1.66 24.00 -18.25
C ASP A 318 -0.27 24.58 -18.00
N VAL A 319 0.41 24.06 -16.97
CA VAL A 319 1.75 24.52 -16.62
C VAL A 319 2.75 24.26 -17.74
N ILE A 320 2.69 23.07 -18.32
CA ILE A 320 3.61 22.71 -19.39
C ILE A 320 3.30 23.52 -20.65
N LYS A 321 2.01 23.77 -20.90
CA LYS A 321 1.59 24.61 -22.01
C LYS A 321 2.19 26.01 -21.88
N ASP A 322 2.22 26.52 -20.65
CA ASP A 322 2.71 27.87 -20.40
C ASP A 322 4.22 27.98 -20.58
N ILE A 323 4.93 26.87 -20.36
CA ILE A 323 6.37 26.84 -20.53
C ILE A 323 6.77 26.76 -22.01
N LEU B 7 -20.58 -11.58 31.18
CA LEU B 7 -20.36 -10.24 30.64
C LEU B 7 -21.29 -9.93 29.48
N LYS B 8 -22.13 -10.88 29.11
CA LYS B 8 -22.96 -10.75 27.91
C LYS B 8 -23.72 -9.43 27.79
N ASP B 9 -24.50 -9.09 28.82
CA ASP B 9 -25.32 -7.88 28.76
C ASP B 9 -24.59 -6.65 29.30
N LEU B 10 -23.36 -6.87 29.78
CA LEU B 10 -22.52 -5.77 30.24
C LEU B 10 -21.92 -5.02 29.05
N PRO B 11 -21.85 -3.70 29.16
CA PRO B 11 -21.28 -2.88 28.07
C PRO B 11 -19.76 -2.99 27.98
N ALA B 12 -19.23 -2.87 26.77
CA ALA B 12 -17.79 -2.74 26.60
C ALA B 12 -17.37 -1.32 26.95
N GLU B 13 -17.12 -1.09 28.23
CA GLU B 13 -16.93 0.26 28.75
C GLU B 13 -15.84 0.27 29.81
N THR B 14 -14.90 1.19 29.66
CA THR B 14 -13.79 1.29 30.61
C THR B 14 -14.31 1.77 31.96
N PRO B 15 -13.53 1.54 33.03
CA PRO B 15 -13.94 1.98 34.36
C PRO B 15 -14.11 3.50 34.44
N ASP B 16 -13.40 4.24 33.59
CA ASP B 16 -13.52 5.70 33.57
C ASP B 16 -14.48 6.21 32.49
N GLY B 17 -15.30 5.30 31.96
CA GLY B 17 -16.49 5.69 31.21
C GLY B 17 -16.44 5.77 29.69
N LYS B 18 -15.40 5.23 29.07
CA LYS B 18 -15.33 5.21 27.60
C LYS B 18 -16.00 3.95 27.09
N LYS B 19 -17.04 4.13 26.28
CA LYS B 19 -17.79 3.01 25.74
C LYS B 19 -17.42 2.78 24.28
N VAL B 20 -17.32 1.52 23.89
CA VAL B 20 -17.15 1.17 22.48
C VAL B 20 -18.18 0.11 22.11
N MET B 21 -18.38 -0.08 20.81
CA MET B 21 -19.34 -1.05 20.32
C MET B 21 -18.65 -2.33 19.86
N LEU B 22 -19.09 -3.47 20.36
CA LEU B 22 -18.57 -4.75 19.90
C LEU B 22 -19.61 -5.44 19.03
N ALA B 23 -19.21 -5.78 17.82
CA ALA B 23 -20.13 -6.34 16.83
C ALA B 23 -19.56 -7.62 16.26
N ALA B 24 -20.38 -8.34 15.49
CA ALA B 24 -19.94 -9.61 14.91
C ALA B 24 -19.73 -9.54 13.40
N ASN B 25 -18.75 -10.30 12.91
CA ASN B 25 -18.59 -10.56 11.49
C ASN B 25 -19.35 -11.85 11.20
N ILE B 26 -20.15 -11.86 10.13
CA ILE B 26 -20.86 -13.09 9.76
C ILE B 26 -20.71 -13.40 8.27
N GLY B 27 -20.94 -14.65 7.90
CA GLY B 27 -20.80 -15.09 6.52
C GLY B 27 -22.05 -15.77 5.99
N THR B 28 -23.01 -15.99 6.87
CA THR B 28 -24.26 -16.65 6.53
C THR B 28 -25.27 -16.32 7.63
N PRO B 29 -26.56 -16.28 7.30
CA PRO B 29 -27.59 -15.97 8.30
C PRO B 29 -27.53 -16.90 9.51
N LYS B 30 -26.98 -18.09 9.33
CA LYS B 30 -26.89 -19.06 10.42
C LYS B 30 -25.96 -18.62 11.54
N ASP B 31 -25.17 -17.58 11.29
CA ASP B 31 -24.18 -17.11 12.26
C ASP B 31 -24.79 -16.17 13.29
N VAL B 32 -26.01 -15.73 13.04
CA VAL B 32 -26.65 -14.73 13.89
C VAL B 32 -26.81 -15.19 15.35
N ALA B 33 -27.32 -16.41 15.53
CA ALA B 33 -27.59 -16.90 16.89
C ALA B 33 -26.36 -16.78 17.78
N SER B 34 -25.22 -17.25 17.28
CA SER B 34 -23.97 -17.22 18.03
C SER B 34 -23.50 -15.79 18.29
N ALA B 35 -23.72 -14.91 17.31
CA ALA B 35 -23.36 -13.51 17.49
C ALA B 35 -24.13 -12.93 18.67
N LEU B 36 -25.44 -13.12 18.68
CA LEU B 36 -26.29 -12.62 19.77
C LEU B 36 -25.92 -13.26 21.10
N ALA B 37 -25.63 -14.55 21.08
CA ALA B 37 -25.25 -15.29 22.28
C ALA B 37 -24.01 -14.71 22.94
N ASN B 38 -23.08 -14.22 22.12
CA ASN B 38 -21.84 -13.65 22.64
C ASN B 38 -21.95 -12.16 22.93
N GLY B 39 -23.16 -11.61 22.77
CA GLY B 39 -23.43 -10.24 23.15
C GLY B 39 -23.09 -9.20 22.10
N ALA B 40 -23.10 -9.61 20.84
CA ALA B 40 -22.85 -8.67 19.74
C ALA B 40 -23.91 -7.58 19.73
N GLU B 41 -23.49 -6.35 19.50
CA GLU B 41 -24.40 -5.20 19.53
C GLU B 41 -24.80 -4.83 18.11
N GLY B 42 -24.42 -5.69 17.16
CA GLY B 42 -24.69 -5.45 15.76
C GLY B 42 -23.86 -6.38 14.91
N VAL B 43 -24.01 -6.25 13.59
CA VAL B 43 -23.17 -6.99 12.66
C VAL B 43 -22.32 -5.97 11.93
N GLY B 44 -21.01 -5.97 12.21
CA GLY B 44 -20.10 -5.00 11.62
C GLY B 44 -19.68 -5.38 10.21
N LEU B 45 -19.88 -6.64 9.86
CA LEU B 45 -19.54 -7.12 8.54
C LEU B 45 -20.40 -8.32 8.20
N PHE B 46 -21.32 -8.14 7.25
CA PHE B 46 -22.06 -9.25 6.68
C PHE B 46 -21.42 -9.56 5.33
N ARG B 47 -20.65 -10.63 5.26
CA ARG B 47 -20.01 -11.01 4.01
C ARG B 47 -21.05 -11.64 3.10
N THR B 48 -21.12 -11.21 1.85
CA THR B 48 -22.21 -11.69 0.98
C THR B 48 -21.78 -12.73 -0.05
N GLU B 49 -20.53 -13.19 0.02
CA GLU B 49 -20.03 -14.13 -0.97
C GLU B 49 -20.78 -15.47 -0.99
N PHE B 50 -21.37 -15.86 0.15
CA PHE B 50 -22.05 -17.16 0.20
C PHE B 50 -23.18 -17.28 -0.82
N LEU B 51 -23.76 -16.15 -1.20
CA LEU B 51 -24.87 -16.14 -2.14
C LEU B 51 -24.41 -16.43 -3.57
N TYR B 52 -23.11 -16.25 -3.80
CA TYR B 52 -22.55 -16.37 -5.14
C TYR B 52 -21.76 -17.65 -5.32
N MET B 53 -21.41 -18.30 -4.22
CA MET B 53 -20.60 -19.50 -4.24
C MET B 53 -21.42 -20.77 -4.47
N ASP B 54 -20.77 -21.82 -4.93
CA ASP B 54 -21.35 -23.16 -5.00
C ASP B 54 -22.64 -23.19 -5.80
N ARG B 55 -22.60 -22.64 -7.01
CA ARG B 55 -23.79 -22.56 -7.87
C ARG B 55 -23.42 -22.38 -9.33
N ASN B 56 -24.42 -22.53 -10.21
CA ASN B 56 -24.20 -22.46 -11.65
C ASN B 56 -24.66 -21.16 -12.30
N SER B 57 -25.26 -20.27 -11.52
CA SER B 57 -25.67 -18.97 -12.03
C SER B 57 -25.85 -17.95 -10.91
N LEU B 58 -25.88 -16.67 -11.25
CA LEU B 58 -25.94 -15.61 -10.26
C LEU B 58 -27.15 -15.79 -9.34
N PRO B 59 -27.01 -15.35 -8.07
CA PRO B 59 -28.13 -15.38 -7.13
C PRO B 59 -29.20 -14.37 -7.49
N SER B 60 -30.47 -14.78 -7.47
CA SER B 60 -31.58 -13.90 -7.82
C SER B 60 -31.75 -12.82 -6.77
N GLU B 61 -32.41 -11.73 -7.14
CA GLU B 61 -32.67 -10.65 -6.21
C GLU B 61 -33.49 -11.15 -5.02
N GLU B 62 -34.43 -12.05 -5.29
CA GLU B 62 -35.30 -12.55 -4.24
C GLU B 62 -34.53 -13.40 -3.23
N GLU B 63 -33.71 -14.30 -3.73
CA GLU B 63 -32.85 -15.13 -2.88
C GLU B 63 -31.98 -14.26 -1.97
N GLN B 64 -31.41 -13.21 -2.54
CA GLN B 64 -30.56 -12.31 -1.75
C GLN B 64 -31.38 -11.58 -0.71
N PHE B 65 -32.52 -11.05 -1.14
CA PHE B 65 -33.43 -10.34 -0.26
C PHE B 65 -33.82 -11.17 0.97
N GLU B 66 -34.24 -12.41 0.73
CA GLU B 66 -34.65 -13.28 1.83
C GLU B 66 -33.54 -13.45 2.88
N ALA B 67 -32.30 -13.60 2.41
CA ALA B 67 -31.17 -13.77 3.31
C ALA B 67 -30.88 -12.52 4.13
N TYR B 68 -30.88 -11.36 3.48
CA TYR B 68 -30.61 -10.11 4.17
C TYR B 68 -31.72 -9.80 5.17
N LYS B 69 -32.95 -10.05 4.78
CA LYS B 69 -34.11 -9.76 5.62
C LYS B 69 -34.06 -10.56 6.90
N GLU B 70 -33.73 -11.84 6.79
CA GLU B 70 -33.64 -12.73 7.95
C GLU B 70 -32.65 -12.19 8.99
N VAL B 71 -31.47 -11.77 8.54
CA VAL B 71 -30.45 -11.29 9.46
C VAL B 71 -30.90 -9.99 10.12
N VAL B 72 -31.47 -9.10 9.32
CA VAL B 72 -31.86 -7.78 9.80
C VAL B 72 -32.96 -7.87 10.85
N GLU B 73 -33.89 -8.79 10.64
CA GLU B 73 -34.97 -8.98 11.60
C GLU B 73 -34.49 -9.65 12.88
N LYS B 74 -33.68 -10.70 12.74
CA LYS B 74 -33.16 -11.42 13.90
C LYS B 74 -32.26 -10.56 14.79
N MET B 75 -31.63 -9.55 14.19
CA MET B 75 -30.78 -8.65 14.95
C MET B 75 -31.59 -7.59 15.70
N GLY B 76 -32.90 -7.62 15.51
CA GLY B 76 -33.84 -6.81 16.28
C GLY B 76 -33.47 -5.37 16.49
N GLY B 77 -33.26 -4.64 15.40
CA GLY B 77 -32.98 -3.21 15.48
C GLY B 77 -31.51 -2.87 15.51
N ARG B 78 -30.67 -3.81 15.91
CA ARG B 78 -29.23 -3.58 15.91
C ARG B 78 -28.73 -3.37 14.48
N PRO B 79 -27.68 -2.57 14.30
CA PRO B 79 -27.19 -2.28 12.95
C PRO B 79 -26.57 -3.50 12.27
N VAL B 80 -26.89 -3.66 10.98
CA VAL B 80 -26.29 -4.73 10.18
C VAL B 80 -25.59 -4.11 8.98
N THR B 81 -24.26 -4.14 9.00
CA THR B 81 -23.45 -3.57 7.94
C THR B 81 -23.19 -4.62 6.87
N ILE B 82 -23.83 -4.46 5.72
CA ILE B 82 -23.73 -5.43 4.64
C ILE B 82 -22.69 -5.00 3.63
N ARG B 83 -21.69 -5.85 3.40
CA ARG B 83 -20.64 -5.55 2.44
C ARG B 83 -21.05 -6.08 1.08
N THR B 84 -20.97 -5.24 0.06
CA THR B 84 -21.32 -5.67 -1.28
C THR B 84 -20.29 -6.66 -1.83
N LEU B 85 -20.66 -7.36 -2.90
CA LEU B 85 -19.83 -8.41 -3.49
C LEU B 85 -18.34 -8.09 -3.47
N ASP B 86 -17.55 -8.99 -2.89
CA ASP B 86 -16.14 -8.72 -2.64
C ASP B 86 -15.27 -9.74 -3.37
N ILE B 87 -15.90 -10.52 -4.26
CA ILE B 87 -15.27 -11.67 -4.90
C ILE B 87 -14.39 -11.32 -6.10
N GLY B 88 -13.33 -12.12 -6.28
CA GLY B 88 -12.45 -11.96 -7.43
C GLY B 88 -12.21 -13.26 -8.16
N GLY B 89 -11.44 -13.19 -9.25
CA GLY B 89 -11.24 -14.33 -10.13
C GLY B 89 -10.38 -15.46 -9.56
N ASP B 90 -9.87 -15.28 -8.35
CA ASP B 90 -9.10 -16.33 -7.69
C ASP B 90 -10.01 -17.42 -7.12
N LYS B 91 -11.28 -17.07 -6.92
CA LYS B 91 -12.28 -18.05 -6.52
C LYS B 91 -12.96 -18.56 -7.79
N GLU B 92 -12.74 -19.82 -8.13
CA GLU B 92 -13.26 -20.31 -9.40
C GLU B 92 -14.76 -20.61 -9.40
N LEU B 93 -15.48 -19.64 -9.92
CA LEU B 93 -16.92 -19.68 -10.05
C LEU B 93 -17.19 -19.55 -11.54
N PRO B 94 -17.14 -20.68 -12.25
CA PRO B 94 -17.19 -20.70 -13.72
C PRO B 94 -18.27 -19.80 -14.30
N TYR B 95 -19.48 -19.84 -13.76
CA TYR B 95 -20.61 -19.11 -14.33
C TYR B 95 -20.33 -17.62 -14.35
N LEU B 96 -19.46 -17.18 -13.44
CA LEU B 96 -19.13 -15.77 -13.27
C LEU B 96 -18.26 -15.26 -14.42
N ASP B 97 -17.47 -16.15 -15.02
CA ASP B 97 -16.73 -15.83 -16.24
C ASP B 97 -15.62 -14.79 -16.01
N MET B 98 -15.09 -14.73 -14.79
CA MET B 98 -14.03 -13.78 -14.51
C MET B 98 -12.69 -14.27 -15.05
N PRO B 99 -11.88 -13.33 -15.57
CA PRO B 99 -10.65 -13.63 -16.33
C PRO B 99 -9.53 -14.22 -15.49
N LYS B 100 -8.62 -14.94 -16.14
CA LYS B 100 -7.42 -15.40 -15.48
C LYS B 100 -6.50 -14.21 -15.32
N GLU B 101 -5.86 -14.10 -14.16
CA GLU B 101 -5.02 -12.96 -13.86
C GLU B 101 -3.70 -13.37 -13.23
N MET B 102 -2.65 -12.62 -13.51
CA MET B 102 -1.36 -12.88 -12.89
C MET B 102 -1.38 -12.60 -11.39
N ASN B 103 -2.05 -11.52 -11.00
CA ASN B 103 -2.14 -11.12 -9.61
C ASN B 103 -3.58 -10.75 -9.26
N PRO B 104 -4.42 -11.77 -9.03
CA PRO B 104 -5.85 -11.48 -8.83
C PRO B 104 -6.14 -10.55 -7.66
N PHE B 105 -5.30 -10.55 -6.63
CA PHE B 105 -5.53 -9.67 -5.49
C PHE B 105 -5.42 -8.20 -5.87
N LEU B 106 -4.79 -7.93 -7.01
CA LEU B 106 -4.61 -6.55 -7.48
C LEU B 106 -5.43 -6.34 -8.76
N GLY B 107 -6.46 -7.16 -8.95
CA GLY B 107 -7.12 -7.21 -10.23
C GLY B 107 -8.61 -6.88 -10.24
N TYR B 108 -9.33 -7.61 -11.08
CA TYR B 108 -10.73 -7.35 -11.40
C TYR B 108 -11.60 -8.08 -10.41
N ARG B 109 -11.98 -7.38 -9.35
CA ARG B 109 -12.64 -8.01 -8.21
C ARG B 109 -13.48 -7.00 -7.46
N ALA B 110 -14.43 -7.49 -6.67
CA ALA B 110 -15.15 -6.65 -5.73
C ALA B 110 -15.83 -5.47 -6.42
N ILE B 111 -15.62 -4.27 -5.90
CA ILE B 111 -16.33 -3.11 -6.46
C ILE B 111 -15.97 -2.86 -7.93
N ARG B 112 -14.77 -3.28 -8.32
CA ARG B 112 -14.33 -3.10 -9.72
C ARG B 112 -15.18 -3.99 -10.61
N LEU B 113 -15.48 -5.19 -10.13
CA LEU B 113 -16.34 -6.09 -10.87
C LEU B 113 -17.74 -5.50 -10.94
N CYS B 114 -18.22 -4.99 -9.81
CA CYS B 114 -19.58 -4.47 -9.73
C CYS B 114 -19.82 -3.26 -10.63
N LEU B 115 -18.82 -2.39 -10.72
CA LEU B 115 -18.93 -1.18 -11.52
C LEU B 115 -18.88 -1.50 -13.02
N ASP B 116 -18.15 -2.56 -13.36
CA ASP B 116 -18.07 -3.00 -14.75
C ASP B 116 -19.31 -3.79 -15.15
N ARG B 117 -19.97 -4.39 -14.17
CA ARG B 117 -21.16 -5.19 -14.41
C ARG B 117 -22.31 -4.72 -13.54
N PRO B 118 -22.86 -3.55 -13.86
CA PRO B 118 -23.88 -2.93 -13.01
C PRO B 118 -25.13 -3.80 -12.88
N ASP B 119 -25.40 -4.65 -13.87
CA ASP B 119 -26.50 -5.62 -13.76
C ASP B 119 -26.38 -6.43 -12.46
N ILE B 120 -25.18 -6.93 -12.17
CA ILE B 120 -24.94 -7.69 -10.95
C ILE B 120 -25.11 -6.79 -9.72
N PHE B 121 -24.53 -5.61 -9.79
CA PHE B 121 -24.52 -4.67 -8.68
C PHE B 121 -25.94 -4.24 -8.32
N LYS B 122 -26.74 -3.94 -9.33
CA LYS B 122 -28.11 -3.47 -9.10
C LYS B 122 -28.97 -4.52 -8.43
N THR B 123 -28.76 -5.78 -8.77
CA THR B 123 -29.55 -6.85 -8.18
C THR B 123 -29.29 -6.92 -6.68
N GLN B 124 -28.02 -6.82 -6.30
CA GLN B 124 -27.67 -6.85 -4.90
C GLN B 124 -28.16 -5.60 -4.16
N LEU B 125 -27.96 -4.43 -4.76
CA LEU B 125 -28.38 -3.18 -4.14
C LEU B 125 -29.89 -3.11 -3.92
N ARG B 126 -30.66 -3.58 -4.90
CA ARG B 126 -32.11 -3.68 -4.74
C ARG B 126 -32.46 -4.52 -3.52
N ALA B 127 -31.80 -5.68 -3.39
CA ALA B 127 -32.13 -6.60 -2.33
C ALA B 127 -31.79 -6.02 -0.96
N ILE B 128 -30.64 -5.36 -0.87
CA ILE B 128 -30.25 -4.70 0.38
C ILE B 128 -31.21 -3.56 0.73
N LEU B 129 -31.51 -2.72 -0.25
CA LEU B 129 -32.45 -1.62 -0.05
C LEU B 129 -33.81 -2.16 0.42
N ARG B 130 -34.33 -3.15 -0.30
CA ARG B 130 -35.60 -3.76 0.09
C ARG B 130 -35.54 -4.25 1.53
N ALA B 131 -34.44 -4.90 1.88
CA ALA B 131 -34.27 -5.45 3.22
C ALA B 131 -34.21 -4.36 4.28
N SER B 132 -33.74 -3.17 3.91
CA SER B 132 -33.58 -2.07 4.86
C SER B 132 -34.91 -1.57 5.41
N ALA B 133 -36.02 -1.99 4.80
CA ALA B 133 -37.33 -1.56 5.29
C ALA B 133 -37.72 -2.32 6.56
N TYR B 134 -36.97 -3.37 6.86
CA TYR B 134 -37.33 -4.27 7.95
C TYR B 134 -36.39 -4.23 9.15
N GLY B 135 -35.48 -3.26 9.16
CA GLY B 135 -34.54 -3.14 10.26
C GLY B 135 -33.44 -2.12 10.01
N ASN B 136 -32.35 -2.26 10.76
CA ASN B 136 -31.25 -1.29 10.74
C ASN B 136 -30.12 -1.75 9.82
N VAL B 137 -30.15 -1.30 8.58
CA VAL B 137 -29.20 -1.76 7.57
C VAL B 137 -28.22 -0.68 7.14
N GLN B 138 -26.95 -1.06 6.98
CA GLN B 138 -25.94 -0.20 6.39
C GLN B 138 -25.32 -0.88 5.18
N ILE B 139 -24.92 -0.07 4.19
CA ILE B 139 -24.23 -0.59 3.02
C ILE B 139 -22.76 -0.21 3.09
N MET B 140 -21.89 -1.17 2.74
CA MET B 140 -20.46 -0.92 2.73
C MET B 140 -19.80 -1.43 1.47
N TYR B 141 -19.11 -0.55 0.74
CA TYR B 141 -18.42 -0.93 -0.50
C TYR B 141 -17.01 -1.39 -0.24
N PRO B 142 -16.62 -2.55 -0.79
CA PRO B 142 -15.24 -3.03 -0.60
C PRO B 142 -14.28 -2.52 -1.68
N MET B 143 -12.99 -2.57 -1.38
CA MET B 143 -11.95 -2.36 -2.39
CA MET B 143 -11.96 -2.37 -2.40
C MET B 143 -12.02 -0.99 -3.06
N ILE B 144 -12.30 0.03 -2.26
CA ILE B 144 -12.34 1.40 -2.75
C ILE B 144 -10.92 1.98 -2.70
N SER B 145 -10.45 2.52 -3.82
CA SER B 145 -9.13 3.14 -3.84
C SER B 145 -9.23 4.66 -3.94
N SER B 146 -10.40 5.17 -4.28
CA SER B 146 -10.51 6.61 -4.51
C SER B 146 -11.94 7.10 -4.37
N VAL B 147 -12.07 8.38 -4.05
CA VAL B 147 -13.39 8.97 -3.89
C VAL B 147 -14.22 8.89 -5.18
N GLU B 148 -13.55 8.93 -6.33
CA GLU B 148 -14.26 8.87 -7.61
C GLU B 148 -15.07 7.57 -7.75
N GLU B 149 -14.53 6.48 -7.23
CA GLU B 149 -15.20 5.18 -7.27
C GLU B 149 -16.44 5.18 -6.38
N VAL B 150 -16.34 5.84 -5.23
CA VAL B 150 -17.47 5.97 -4.33
C VAL B 150 -18.61 6.68 -5.04
N ARG B 151 -18.28 7.74 -5.77
CA ARG B 151 -19.29 8.49 -6.50
C ARG B 151 -19.96 7.62 -7.55
N LYS B 152 -19.16 6.88 -8.30
CA LYS B 152 -19.72 5.98 -9.32
C LYS B 152 -20.66 4.98 -8.68
N ALA B 153 -20.27 4.42 -7.54
CA ALA B 153 -21.08 3.41 -6.89
C ALA B 153 -22.38 4.02 -6.39
N ASN B 154 -22.28 5.19 -5.78
CA ASN B 154 -23.46 5.90 -5.31
C ASN B 154 -24.41 6.30 -6.43
N SER B 155 -23.86 6.58 -7.60
CA SER B 155 -24.70 6.92 -8.74
C SER B 155 -25.59 5.75 -9.13
N ILE B 156 -25.03 4.55 -9.10
CA ILE B 156 -25.80 3.34 -9.40
C ILE B 156 -26.83 3.10 -8.30
N LEU B 157 -26.41 3.30 -7.05
CA LEU B 157 -27.32 3.19 -5.92
C LEU B 157 -28.51 4.13 -6.11
N GLU B 158 -28.22 5.37 -6.50
CA GLU B 158 -29.29 6.35 -6.72
C GLU B 158 -30.26 5.93 -7.82
N GLU B 159 -29.72 5.32 -8.87
CA GLU B 159 -30.58 4.81 -9.94
C GLU B 159 -31.53 3.75 -9.39
N VAL B 160 -31.00 2.88 -8.53
CA VAL B 160 -31.79 1.81 -7.96
C VAL B 160 -32.86 2.37 -7.02
N LYS B 161 -32.48 3.32 -6.19
CA LYS B 161 -33.45 3.99 -5.33
C LYS B 161 -34.59 4.54 -6.16
N ALA B 162 -34.24 5.18 -7.27
CA ALA B 162 -35.25 5.79 -8.16
C ALA B 162 -36.19 4.73 -8.72
N GLU B 163 -35.65 3.59 -9.13
CA GLU B 163 -36.46 2.48 -9.61
C GLU B 163 -37.48 2.05 -8.56
N LEU B 164 -36.99 1.80 -7.34
CA LEU B 164 -37.86 1.36 -6.25
C LEU B 164 -38.95 2.38 -5.93
N ASP B 165 -38.61 3.67 -5.99
CA ASP B 165 -39.60 4.72 -5.75
C ASP B 165 -40.74 4.68 -6.77
N ARG B 166 -40.39 4.57 -8.05
CA ARG B 166 -41.40 4.49 -9.09
C ARG B 166 -42.23 3.22 -8.95
N GLU B 167 -41.64 2.18 -8.39
CA GLU B 167 -42.33 0.91 -8.21
C GLU B 167 -43.10 0.90 -6.89
N GLY B 168 -42.95 1.96 -6.11
CA GLY B 168 -43.60 2.06 -4.82
C GLY B 168 -43.11 1.00 -3.85
N VAL B 169 -41.85 0.60 -3.98
CA VAL B 169 -41.25 -0.38 -3.09
C VAL B 169 -40.49 0.31 -1.97
N LYS B 170 -40.72 -0.16 -0.74
CA LYS B 170 -40.21 0.52 0.45
C LYS B 170 -38.74 0.23 0.75
N TYR B 171 -38.02 1.27 1.16
CA TYR B 171 -36.64 1.15 1.61
C TYR B 171 -36.31 2.31 2.55
N ASP B 172 -35.27 2.14 3.35
CA ASP B 172 -34.86 3.18 4.29
C ASP B 172 -34.22 4.37 3.56
N LYS B 173 -34.89 5.51 3.60
CA LYS B 173 -34.40 6.72 2.93
C LYS B 173 -33.14 7.27 3.59
N GLU B 174 -32.93 6.89 4.84
CA GLU B 174 -31.81 7.40 5.62
C GLU B 174 -30.66 6.40 5.69
N ILE B 175 -30.69 5.39 4.83
CA ILE B 175 -29.73 4.30 4.91
C ILE B 175 -28.29 4.82 4.82
N LYS B 176 -27.46 4.36 5.74
CA LYS B 176 -26.06 4.77 5.83
C LYS B 176 -25.18 3.98 4.87
N VAL B 177 -24.32 4.68 4.15
CA VAL B 177 -23.46 4.08 3.15
C VAL B 177 -22.02 4.46 3.46
N GLY B 178 -21.17 3.45 3.68
CA GLY B 178 -19.77 3.70 3.95
C GLY B 178 -18.87 2.84 3.09
N ILE B 179 -17.60 2.79 3.45
CA ILE B 179 -16.64 1.98 2.73
C ILE B 179 -15.77 1.16 3.66
N MET B 180 -15.29 0.05 3.13
CA MET B 180 -14.20 -0.69 3.73
C MET B 180 -12.94 0.06 3.39
N VAL B 181 -12.11 0.33 4.38
CA VAL B 181 -10.78 0.89 4.09
C VAL B 181 -9.77 -0.23 4.13
N GLU B 182 -9.25 -0.59 2.96
CA GLU B 182 -8.32 -1.71 2.88
C GLU B 182 -7.25 -1.49 1.81
N ILE B 183 -7.54 -0.65 0.83
CA ILE B 183 -6.51 -0.25 -0.14
C ILE B 183 -5.72 0.93 0.48
N PRO B 184 -4.39 0.88 0.42
CA PRO B 184 -3.62 1.91 1.13
C PRO B 184 -3.99 3.35 0.74
N SER B 185 -4.25 3.59 -0.55
CA SER B 185 -4.65 4.93 -0.98
C SER B 185 -5.89 5.45 -0.27
N ALA B 186 -6.81 4.57 0.10
CA ALA B 186 -8.02 5.00 0.80
C ALA B 186 -7.69 5.48 2.21
N ALA B 187 -6.74 4.82 2.87
CA ALA B 187 -6.31 5.26 4.19
C ALA B 187 -5.55 6.58 4.09
N VAL B 188 -4.63 6.66 3.15
CA VAL B 188 -3.82 7.87 2.97
C VAL B 188 -4.69 9.08 2.62
N THR B 189 -5.78 8.86 1.89
CA THR B 189 -6.69 9.95 1.56
C THR B 189 -8.02 9.85 2.32
N ALA B 190 -7.97 9.31 3.53
CA ALA B 190 -9.18 9.18 4.33
C ALA B 190 -9.85 10.54 4.56
N ASP B 191 -9.07 11.61 4.63
CA ASP B 191 -9.63 12.95 4.80
C ASP B 191 -10.52 13.36 3.62
N ILE B 192 -10.11 13.00 2.40
CA ILE B 192 -10.93 13.26 1.23
C ILE B 192 -12.19 12.39 1.26
N LEU B 193 -12.00 11.10 1.53
CA LEU B 193 -13.11 10.15 1.52
C LEU B 193 -14.14 10.44 2.61
N ALA B 194 -13.67 10.94 3.75
CA ALA B 194 -14.54 11.13 4.91
C ALA B 194 -15.67 12.12 4.64
N LYS B 195 -15.46 13.00 3.66
CA LYS B 195 -16.49 13.99 3.33
C LYS B 195 -17.64 13.38 2.53
N GLU B 196 -17.41 12.20 1.98
CA GLU B 196 -18.33 11.63 1.01
C GLU B 196 -18.81 10.22 1.35
N VAL B 197 -18.47 9.74 2.55
CA VAL B 197 -19.03 8.48 3.06
C VAL B 197 -19.65 8.72 4.44
N ASP B 198 -20.51 7.81 4.87
CA ASP B 198 -21.17 7.96 6.17
C ASP B 198 -20.36 7.36 7.31
N PHE B 199 -19.46 6.44 6.98
CA PHE B 199 -18.64 5.77 8.00
C PHE B 199 -17.50 5.01 7.32
N PHE B 200 -16.47 4.67 8.09
CA PHE B 200 -15.41 3.78 7.62
C PHE B 200 -15.46 2.48 8.42
N SER B 201 -15.15 1.37 7.76
CA SER B 201 -14.78 0.16 8.48
C SER B 201 -13.42 -0.31 7.96
N ILE B 202 -12.46 -0.46 8.85
CA ILE B 202 -11.11 -0.79 8.41
C ILE B 202 -10.94 -2.30 8.23
N GLY B 203 -10.58 -2.69 7.01
CA GLY B 203 -10.34 -4.09 6.71
C GLY B 203 -8.85 -4.36 6.84
N THR B 204 -8.40 -4.58 8.08
CA THR B 204 -6.96 -4.66 8.32
C THR B 204 -6.29 -5.88 7.70
N ASN B 205 -7.06 -6.93 7.39
CA ASN B 205 -6.42 -8.09 6.77
C ASN B 205 -5.80 -7.69 5.45
N ASP B 206 -6.62 -7.07 4.61
CA ASP B 206 -6.15 -6.69 3.29
C ASP B 206 -5.35 -5.40 3.31
N LEU B 207 -5.63 -4.51 4.26
CA LEU B 207 -4.82 -3.30 4.41
C LEU B 207 -3.37 -3.73 4.70
N THR B 208 -3.22 -4.74 5.55
CA THR B 208 -1.88 -5.19 5.90
C THR B 208 -1.22 -5.85 4.69
N GLN B 209 -1.97 -6.68 3.98
CA GLN B 209 -1.39 -7.31 2.79
C GLN B 209 -0.97 -6.29 1.72
N TYR B 210 -1.83 -5.32 1.44
CA TYR B 210 -1.47 -4.33 0.42
C TYR B 210 -0.37 -3.39 0.89
N THR B 211 -0.43 -2.97 2.14
CA THR B 211 0.53 -1.98 2.65
C THR B 211 1.95 -2.55 2.73
N LEU B 212 2.06 -3.84 3.07
CA LEU B 212 3.35 -4.52 3.17
C LEU B 212 3.69 -5.32 1.89
N ALA B 213 2.81 -5.22 0.88
CA ALA B 213 2.95 -5.97 -0.37
C ALA B 213 3.23 -7.46 -0.14
N VAL B 214 2.34 -8.10 0.62
CA VAL B 214 2.53 -9.50 0.93
C VAL B 214 1.23 -10.26 0.87
N ASP B 215 1.24 -11.40 0.17
CA ASP B 215 0.10 -12.32 0.19
C ASP B 215 0.31 -13.28 1.36
N ARG B 216 -0.46 -13.13 2.43
CA ARG B 216 -0.17 -13.95 3.60
C ARG B 216 -0.43 -15.44 3.43
N MET B 217 -1.11 -15.80 2.35
CA MET B 217 -1.35 -17.21 2.05
C MET B 217 -0.17 -17.85 1.32
N ASN B 218 0.81 -17.03 0.94
CA ASN B 218 2.02 -17.50 0.28
C ASN B 218 3.01 -17.99 1.35
N GLU B 219 3.21 -19.30 1.44
CA GLU B 219 4.03 -19.86 2.52
C GLU B 219 5.49 -19.38 2.52
N HIS B 220 5.98 -18.91 1.37
CA HIS B 220 7.35 -18.45 1.28
C HIS B 220 7.57 -17.08 1.89
N VAL B 221 6.48 -16.34 2.13
CA VAL B 221 6.60 -14.97 2.62
C VAL B 221 5.63 -14.65 3.76
N LYS B 222 5.02 -15.67 4.33
CA LYS B 222 4.01 -15.43 5.35
C LYS B 222 4.53 -14.56 6.51
N GLU B 223 5.82 -14.63 6.79
CA GLU B 223 6.45 -13.84 7.86
CA GLU B 223 6.37 -13.83 7.89
C GLU B 223 6.50 -12.34 7.56
N TYR B 224 6.27 -11.98 6.31
CA TYR B 224 6.28 -10.56 5.94
C TYR B 224 4.93 -9.90 6.27
N TYR B 225 3.96 -10.73 6.63
CA TYR B 225 2.66 -10.24 7.03
C TYR B 225 2.74 -9.90 8.52
N GLN B 226 2.70 -8.59 8.81
CA GLN B 226 2.90 -8.11 10.17
C GLN B 226 1.89 -7.04 10.56
N PRO B 227 0.79 -7.47 11.20
CA PRO B 227 -0.31 -6.60 11.60
C PRO B 227 0.11 -5.45 12.51
N PHE B 228 1.18 -5.63 13.28
CA PHE B 228 1.64 -4.56 14.18
C PHE B 228 2.80 -3.71 13.63
N HIS B 229 3.06 -3.84 12.32
CA HIS B 229 4.03 -2.95 11.68
C HIS B 229 3.58 -1.50 11.93
N PRO B 230 4.52 -0.62 12.28
CA PRO B 230 4.14 0.77 12.54
C PRO B 230 3.32 1.42 11.42
N ALA B 231 3.54 1.03 10.17
CA ALA B 231 2.79 1.61 9.07
C ALA B 231 1.30 1.33 9.21
N ILE B 232 0.97 0.10 9.64
CA ILE B 232 -0.43 -0.28 9.79
C ILE B 232 -1.06 0.54 10.93
N LEU B 233 -0.37 0.65 12.06
CA LEU B 233 -0.90 1.44 13.16
C LEU B 233 -1.11 2.91 12.75
N ARG B 234 -0.16 3.46 11.98
CA ARG B 234 -0.28 4.85 11.55
C ARG B 234 -1.47 5.04 10.62
N LEU B 235 -1.68 4.10 9.70
CA LEU B 235 -2.81 4.21 8.79
C LEU B 235 -4.12 4.04 9.54
N VAL B 236 -4.15 3.18 10.54
CA VAL B 236 -5.37 2.99 11.32
C VAL B 236 -5.70 4.29 12.05
N LYS B 237 -4.71 4.88 12.71
CA LYS B 237 -4.92 6.16 13.39
C LYS B 237 -5.42 7.21 12.42
N MET B 238 -4.82 7.26 11.23
CA MET B 238 -5.21 8.24 10.24
C MET B 238 -6.69 8.12 9.86
N VAL B 239 -7.15 6.89 9.72
CA VAL B 239 -8.52 6.63 9.30
C VAL B 239 -9.48 7.01 10.42
N ILE B 240 -9.16 6.61 11.64
CA ILE B 240 -10.00 6.95 12.78
C ILE B 240 -10.10 8.47 12.94
N ASP B 241 -8.95 9.16 12.88
CA ASP B 241 -8.95 10.60 13.04
C ASP B 241 -9.74 11.29 11.93
N ALA B 242 -9.61 10.78 10.70
CA ALA B 242 -10.29 11.40 9.55
C ALA B 242 -11.80 11.30 9.72
N ALA B 243 -12.28 10.14 10.17
CA ALA B 243 -13.71 9.95 10.40
C ALA B 243 -14.19 10.95 11.44
N HIS B 244 -13.46 11.01 12.55
CA HIS B 244 -13.86 11.85 13.67
C HIS B 244 -13.89 13.32 13.33
N LYS B 245 -12.94 13.77 12.51
CA LYS B 245 -12.93 15.17 12.09
C LYS B 245 -14.22 15.53 11.35
N GLU B 246 -14.81 14.57 10.65
CA GLU B 246 -16.05 14.80 9.93
C GLU B 246 -17.30 14.37 10.72
N GLY B 247 -17.10 14.08 12.00
CA GLY B 247 -18.20 13.74 12.90
C GLY B 247 -18.78 12.36 12.63
N LYS B 248 -17.96 11.48 12.08
CA LYS B 248 -18.42 10.15 11.66
C LYS B 248 -17.72 9.07 12.46
N PHE B 249 -18.20 7.83 12.35
CA PHE B 249 -17.65 6.74 13.16
CA PHE B 249 -17.62 6.76 13.15
C PHE B 249 -16.64 5.88 12.37
N ALA B 250 -15.70 5.30 13.10
CA ALA B 250 -14.70 4.41 12.51
C ALA B 250 -14.84 3.04 13.16
N ALA B 251 -15.06 2.03 12.33
CA ALA B 251 -15.10 0.65 12.79
C ALA B 251 -13.90 -0.11 12.24
N MET B 252 -13.68 -1.32 12.75
CA MET B 252 -12.66 -2.21 12.19
C MET B 252 -13.24 -3.61 12.18
N CYS B 253 -13.17 -4.28 11.04
CA CYS B 253 -13.70 -5.64 10.94
C CYS B 253 -12.63 -6.66 10.55
N GLY B 254 -11.40 -6.20 10.32
CA GLY B 254 -10.30 -7.12 10.11
C GLY B 254 -10.00 -7.91 11.38
N GLU B 255 -9.23 -8.99 11.24
CA GLU B 255 -8.90 -9.87 12.36
C GLU B 255 -8.30 -9.13 13.56
N MET B 256 -7.61 -8.02 13.30
CA MET B 256 -6.99 -7.25 14.37
C MET B 256 -7.98 -6.83 15.46
N ALA B 257 -9.20 -6.51 15.07
CA ALA B 257 -10.21 -6.06 16.03
C ALA B 257 -10.57 -7.13 17.06
N GLY B 258 -10.37 -8.39 16.69
CA GLY B 258 -10.65 -9.50 17.59
C GLY B 258 -9.42 -9.97 18.36
N ASP B 259 -8.30 -9.30 18.15
CA ASP B 259 -7.02 -9.70 18.75
C ASP B 259 -6.80 -9.03 20.11
N PRO B 260 -6.72 -9.83 21.20
CA PRO B 260 -6.57 -9.21 22.52
C PRO B 260 -5.35 -8.30 22.62
N LEU B 261 -4.31 -8.57 21.84
CA LEU B 261 -3.10 -7.74 21.88
C LEU B 261 -3.34 -6.35 21.31
N ALA B 262 -4.26 -6.25 20.36
CA ALA B 262 -4.57 -4.98 19.72
C ALA B 262 -5.60 -4.15 20.48
N ALA B 263 -6.38 -4.80 21.34
CA ALA B 263 -7.55 -4.15 21.95
C ALA B 263 -7.25 -2.80 22.61
N VAL B 264 -6.22 -2.75 23.46
CA VAL B 264 -5.91 -1.54 24.20
C VAL B 264 -5.40 -0.44 23.27
N ILE B 265 -4.63 -0.82 22.26
CA ILE B 265 -4.20 0.18 21.28
C ILE B 265 -5.40 0.76 20.53
N LEU B 266 -6.28 -0.11 20.05
CA LEU B 266 -7.44 0.34 19.29
C LEU B 266 -8.33 1.23 20.15
N LEU B 267 -8.54 0.81 21.40
CA LEU B 267 -9.30 1.61 22.36
C LEU B 267 -8.68 3.00 22.50
N GLY B 268 -7.36 3.03 22.74
CA GLY B 268 -6.66 4.28 22.97
C GLY B 268 -6.65 5.19 21.76
N LEU B 269 -6.69 4.61 20.56
CA LEU B 269 -6.77 5.40 19.33
C LEU B 269 -8.16 5.97 19.09
N GLY B 270 -9.15 5.50 19.84
CA GLY B 270 -10.51 6.01 19.70
C GLY B 270 -11.38 5.25 18.72
N LEU B 271 -11.01 4.01 18.40
CA LEU B 271 -11.86 3.19 17.54
C LEU B 271 -13.27 3.11 18.13
N ASP B 272 -14.29 3.27 17.29
CA ASP B 272 -15.68 3.30 17.77
C ASP B 272 -16.34 1.93 17.81
N GLU B 273 -16.02 1.09 16.82
CA GLU B 273 -16.64 -0.21 16.70
C GLU B 273 -15.64 -1.30 16.32
N PHE B 274 -15.69 -2.40 17.07
CA PHE B 274 -14.82 -3.55 16.86
C PHE B 274 -15.73 -4.68 16.36
N SER B 275 -15.49 -5.17 15.15
CA SER B 275 -16.31 -6.26 14.61
C SER B 275 -15.44 -7.51 14.43
N MET B 276 -15.94 -8.66 14.87
CA MET B 276 -15.09 -9.84 14.98
C MET B 276 -15.88 -11.13 15.01
N SER B 277 -15.18 -12.25 14.82
CA SER B 277 -15.76 -13.58 15.07
C SER B 277 -16.46 -13.53 16.41
N ALA B 278 -17.69 -14.05 16.45
CA ALA B 278 -18.51 -13.91 17.65
C ALA B 278 -17.81 -14.34 18.94
N THR B 279 -17.10 -15.46 18.89
CA THR B 279 -16.54 -16.02 20.12
C THR B 279 -15.39 -15.18 20.69
N SER B 280 -14.91 -14.21 19.92
CA SER B 280 -13.86 -13.32 20.41
C SER B 280 -14.42 -12.16 21.22
N ILE B 281 -15.72 -11.91 21.10
CA ILE B 281 -16.32 -10.75 21.75
C ILE B 281 -16.12 -10.69 23.27
N PRO B 282 -16.39 -11.81 23.99
CA PRO B 282 -16.27 -11.77 25.46
C PRO B 282 -14.87 -11.38 25.95
N GLU B 283 -13.84 -11.93 25.31
CA GLU B 283 -12.47 -11.62 25.70
C GLU B 283 -12.12 -10.15 25.47
N ILE B 284 -12.52 -9.61 24.32
CA ILE B 284 -12.28 -8.19 24.04
C ILE B 284 -13.02 -7.31 25.04
N LYS B 285 -14.27 -7.65 25.33
CA LYS B 285 -15.07 -6.91 26.30
C LYS B 285 -14.40 -6.88 27.66
N ASN B 286 -13.87 -8.02 28.06
CA ASN B 286 -13.20 -8.14 29.34
C ASN B 286 -11.99 -7.21 29.44
N ILE B 287 -11.22 -7.14 28.36
CA ILE B 287 -10.07 -6.24 28.33
C ILE B 287 -10.49 -4.78 28.47
N ILE B 288 -11.44 -4.36 27.64
CA ILE B 288 -11.95 -2.99 27.71
C ILE B 288 -12.48 -2.63 29.10
N ARG B 289 -13.22 -3.54 29.73
CA ARG B 289 -13.79 -3.25 31.05
C ARG B 289 -12.74 -3.18 32.15
N ASN B 290 -11.53 -3.63 31.86
CA ASN B 290 -10.50 -3.68 32.89
C ASN B 290 -9.27 -2.80 32.64
N VAL B 291 -9.42 -1.84 31.73
CA VAL B 291 -8.35 -0.89 31.47
CA VAL B 291 -8.36 -0.89 31.42
C VAL B 291 -8.92 0.53 31.39
N GLU B 292 -8.24 1.47 32.04
CA GLU B 292 -8.66 2.86 32.00
C GLU B 292 -8.45 3.43 30.60
N TYR B 293 -9.41 4.21 30.11
CA TYR B 293 -9.27 4.86 28.82
C TYR B 293 -8.03 5.78 28.81
N GLU B 294 -7.82 6.51 29.91
CA GLU B 294 -6.66 7.39 30.00
C GLU B 294 -5.37 6.60 29.82
N LYS B 295 -5.33 5.41 30.41
CA LYS B 295 -4.18 4.52 30.29
C LYS B 295 -4.06 3.98 28.87
N ALA B 296 -5.19 3.61 28.27
CA ALA B 296 -5.17 3.11 26.90
C ALA B 296 -4.63 4.16 25.95
N LYS B 297 -4.98 5.42 26.19
CA LYS B 297 -4.47 6.50 25.34
C LYS B 297 -2.95 6.64 25.44
N GLU B 298 -2.41 6.50 26.65
CA GLU B 298 -0.95 6.53 26.83
C GLU B 298 -0.26 5.36 26.14
N ILE B 299 -0.84 4.17 26.32
CA ILE B 299 -0.30 2.97 25.69
C ILE B 299 -0.33 3.06 24.16
N ALA B 300 -1.44 3.57 23.63
CA ALA B 300 -1.56 3.77 22.19
C ALA B 300 -0.49 4.74 21.70
N GLU B 301 -0.29 5.83 22.43
CA GLU B 301 0.74 6.80 22.08
C GLU B 301 2.12 6.16 22.10
N LYS B 302 2.41 5.35 23.11
CA LYS B 302 3.68 4.65 23.20
C LYS B 302 3.88 3.75 21.98
N ALA B 303 2.84 3.00 21.64
CA ALA B 303 2.91 2.08 20.51
C ALA B 303 3.19 2.82 19.22
N LEU B 304 2.54 3.96 19.05
CA LEU B 304 2.69 4.77 17.85
CA LEU B 304 2.69 4.75 17.84
C LEU B 304 4.05 5.47 17.80
N ASN B 305 4.79 5.39 18.91
CA ASN B 305 6.14 5.96 18.95
C ASN B 305 7.24 4.92 18.74
N MET B 306 6.85 3.65 18.59
CA MET B 306 7.82 2.57 18.44
C MET B 306 8.13 2.27 16.98
N SER B 307 9.24 1.59 16.73
CA SER B 307 9.74 1.38 15.37
C SER B 307 9.61 -0.05 14.85
N GLU B 308 9.36 -1.01 15.75
CA GLU B 308 9.39 -2.43 15.40
C GLU B 308 8.15 -3.19 15.87
N ALA B 309 7.49 -3.89 14.95
CA ALA B 309 6.31 -4.68 15.28
C ALA B 309 6.57 -5.63 16.44
N ARG B 310 7.73 -6.28 16.44
CA ARG B 310 8.08 -7.26 17.46
C ARG B 310 8.08 -6.62 18.85
N GLU B 311 8.57 -5.38 18.93
CA GLU B 311 8.63 -4.70 20.22
C GLU B 311 7.23 -4.25 20.65
N ILE B 312 6.42 -3.84 19.71
CA ILE B 312 5.04 -3.47 20.01
C ILE B 312 4.27 -4.67 20.55
N GLU B 313 4.44 -5.82 19.89
CA GLU B 313 3.80 -7.05 20.35
C GLU B 313 4.26 -7.43 21.76
N LYS B 314 5.55 -7.26 22.03
CA LYS B 314 6.09 -7.58 23.35
C LYS B 314 5.42 -6.72 24.42
N MET B 315 5.32 -5.43 24.13
CA MET B 315 4.71 -4.49 25.05
C MET B 315 3.27 -4.85 25.33
N MET B 316 2.53 -5.16 24.27
CA MET B 316 1.11 -5.44 24.43
C MET B 316 0.88 -6.73 25.19
N LYS B 317 1.76 -7.71 25.02
CA LYS B 317 1.63 -8.93 25.78
C LYS B 317 1.74 -8.63 27.29
N ASP B 318 2.61 -7.70 27.65
CA ASP B 318 2.78 -7.30 29.05
CA ASP B 318 2.77 -7.31 29.05
C ASP B 318 1.58 -6.50 29.55
N VAL B 319 1.01 -5.69 28.66
CA VAL B 319 -0.14 -4.88 29.02
C VAL B 319 -1.32 -5.73 29.46
N ILE B 320 -1.60 -6.82 28.72
CA ILE B 320 -2.78 -7.60 29.04
C ILE B 320 -2.51 -8.82 29.91
N LYS B 321 -1.23 -9.07 30.21
CA LYS B 321 -0.82 -10.24 30.99
C LYS B 321 -1.69 -10.44 32.22
N ASP B 322 -1.98 -9.34 32.90
CA ASP B 322 -2.86 -9.34 34.06
C ASP B 322 -4.22 -9.95 33.75
#